data_7VI7
#
_entry.id   7VI7
#
_cell.length_a   79.243
_cell.length_b   81.407
_cell.length_c   125.836
_cell.angle_alpha   90.000
_cell.angle_beta   90.000
_cell.angle_gamma   90.000
#
_symmetry.space_group_name_H-M   'P 21 21 21'
#
loop_
_entity.id
_entity.type
_entity.pdbx_description
1 polymer Beta-N-acetylhexosaminidase
2 non-polymer 2-acetamido-2-deoxy-alpha-D-glucopyranose
3 non-polymer 'MAGNESIUM ION'
4 non-polymer 'CHLORIDE ION'
5 water water
#
_entity_poly.entity_id   1
_entity_poly.type   'polypeptide(L)'
_entity_poly.pdbx_seq_one_letter_code
;MLPALIGISGHEVGAEEEAAIRRLQPAGFILFSRNIDSVEQVRGLTESLRKLCLHHPVIAVDQEGGRVVRTASLGLNLPS
PASLARLGSVGGIVELGAVTALALRYLGVNLNFAPVLDICHDPSAANALPGRCWGDNAQDVISRGGVYASNLRRGGVQSC
GKHFPGMGRALADPHFSLPVIGLDERELFKTDLLPFLALCPALSSIMSAHIMLPQIDPDYPATLSERVIRGLLRDRLGFR
GVVFTDDLCMGAITTQYSPDDAAFLSLKAGCDLPLICHDPLPWLDGLASRQESLNAYDRWDSFKRVEKLSDSLCFPFPEK
ASLWDSCLRRAEALCRLEEDGREKLPSSPVQKYLEHHHHHH
;
_entity_poly.pdbx_strand_id   A,B
#
# COMPACT_ATOMS: atom_id res chain seq x y z
N MET A 1 -3.52 -9.04 -28.22
CA MET A 1 -3.07 -7.79 -27.62
C MET A 1 -1.55 -7.63 -27.76
N LEU A 2 -1.12 -6.59 -28.46
CA LEU A 2 0.30 -6.29 -28.52
C LEU A 2 0.77 -5.83 -27.15
N PRO A 3 1.79 -6.46 -26.55
CA PRO A 3 2.22 -6.06 -25.19
C PRO A 3 3.17 -4.87 -25.21
N ALA A 4 2.60 -3.68 -25.38
CA ALA A 4 3.36 -2.44 -25.28
C ALA A 4 2.41 -1.28 -25.11
N LEU A 5 2.94 -0.17 -24.60
CA LEU A 5 2.29 1.12 -24.72
C LEU A 5 2.89 1.85 -25.91
N ILE A 6 2.05 2.53 -26.69
CA ILE A 6 2.52 3.29 -27.85
C ILE A 6 2.03 4.73 -27.76
N GLY A 7 2.83 5.63 -28.31
CA GLY A 7 2.44 7.03 -28.34
C GLY A 7 1.46 7.34 -29.47
N ILE A 8 0.88 8.53 -29.39
CA ILE A 8 -0.05 9.06 -30.37
C ILE A 8 0.48 10.42 -30.82
N SER A 9 0.42 10.67 -32.13
CA SER A 9 1.10 11.84 -32.69
C SER A 9 0.43 13.15 -32.26
N GLY A 10 -0.89 13.21 -32.32
CA GLY A 10 -1.55 14.50 -32.15
C GLY A 10 -2.85 14.50 -31.38
N HIS A 11 -3.75 15.45 -31.72
CA HIS A 11 -4.96 15.65 -30.96
C HIS A 11 -6.03 14.62 -31.25
N GLU A 12 -5.91 13.90 -32.36
CA GLU A 12 -6.81 12.81 -32.72
C GLU A 12 -5.96 11.67 -33.24
N VAL A 13 -6.53 10.46 -33.18
CA VAL A 13 -5.86 9.31 -33.76
C VAL A 13 -5.80 9.48 -35.28
N GLY A 14 -4.60 9.39 -35.84
CA GLY A 14 -4.44 9.47 -37.27
C GLY A 14 -4.86 8.20 -37.97
N ALA A 15 -4.85 8.26 -39.30
CA ALA A 15 -5.28 7.12 -40.10
C ALA A 15 -4.32 5.93 -39.93
N GLU A 16 -3.02 6.16 -40.10
CA GLU A 16 -2.05 5.09 -39.91
C GLU A 16 -2.11 4.54 -38.48
N GLU A 17 -2.24 5.42 -37.49
CA GLU A 17 -2.36 4.98 -36.11
C GLU A 17 -3.59 4.10 -35.92
N GLU A 18 -4.77 4.59 -36.34
CA GLU A 18 -5.98 3.81 -36.17
C GLU A 18 -5.88 2.46 -36.85
N ALA A 19 -5.28 2.41 -38.04
CA ALA A 19 -5.08 1.15 -38.74
C ALA A 19 -4.28 0.17 -37.88
N ALA A 20 -3.12 0.60 -37.37
CA ALA A 20 -2.30 -0.29 -36.56
C ALA A 20 -2.98 -0.69 -35.25
N ILE A 21 -3.78 0.20 -34.66
CA ILE A 21 -4.44 -0.12 -33.40
C ILE A 21 -5.50 -1.20 -33.62
N ARG A 22 -6.30 -1.07 -34.68
CA ARG A 22 -7.29 -2.10 -34.99
C ARG A 22 -6.63 -3.44 -35.22
N ARG A 23 -5.49 -3.44 -35.93
CA ARG A 23 -4.86 -4.69 -36.34
C ARG A 23 -4.05 -5.33 -35.21
N LEU A 24 -3.41 -4.52 -34.37
CA LEU A 24 -2.47 -5.05 -33.37
C LEU A 24 -2.97 -5.02 -31.94
N GLN A 25 -3.98 -4.21 -31.63
CA GLN A 25 -4.62 -4.18 -30.32
C GLN A 25 -3.64 -3.92 -29.17
N PRO A 26 -2.91 -2.79 -29.18
CA PRO A 26 -1.90 -2.56 -28.15
C PRO A 26 -2.52 -2.48 -26.77
N ALA A 27 -1.76 -2.95 -25.77
CA ALA A 27 -2.23 -2.91 -24.39
C ALA A 27 -2.65 -1.51 -23.96
N GLY A 28 -1.96 -0.49 -24.44
CA GLY A 28 -2.37 0.85 -24.10
C GLY A 28 -1.54 1.90 -24.81
N PHE A 29 -1.67 3.12 -24.28
CA PHE A 29 -1.12 4.31 -24.91
C PHE A 29 -0.54 5.23 -23.86
N ILE A 30 0.45 6.01 -24.25
CA ILE A 30 1.01 7.06 -23.41
C ILE A 30 0.81 8.39 -24.12
N LEU A 31 0.28 9.37 -23.40
CA LEU A 31 0.03 10.70 -23.94
C LEU A 31 1.09 11.68 -23.45
N PHE A 32 1.30 12.72 -24.26
CA PHE A 32 2.24 13.79 -24.00
C PHE A 32 1.53 15.13 -24.27
N SER A 33 2.24 16.23 -24.05
CA SER A 33 1.66 17.55 -24.27
C SER A 33 1.11 17.70 -25.69
N ARG A 34 1.73 17.04 -26.68
CA ARG A 34 1.22 17.12 -28.05
C ARG A 34 -0.18 16.58 -28.20
N ASN A 35 -0.68 15.78 -27.25
CA ASN A 35 -2.00 15.19 -27.32
C ASN A 35 -3.05 15.94 -26.51
N ILE A 36 -2.69 17.04 -25.86
CA ILE A 36 -3.53 17.66 -24.84
C ILE A 36 -3.68 19.14 -25.14
N ASP A 37 -4.86 19.54 -25.58
CA ASP A 37 -5.10 20.92 -26.00
C ASP A 37 -6.32 21.52 -25.31
N SER A 38 -7.43 20.79 -25.26
CA SER A 38 -8.61 21.24 -24.55
C SER A 38 -9.27 20.03 -23.88
N VAL A 39 -10.09 20.31 -22.86
CA VAL A 39 -10.73 19.23 -22.12
C VAL A 39 -11.59 18.37 -23.05
N GLU A 40 -12.40 19.03 -23.89
CA GLU A 40 -13.25 18.29 -24.81
C GLU A 40 -12.42 17.49 -25.80
N GLN A 41 -11.35 18.07 -26.32
CA GLN A 41 -10.50 17.36 -27.28
C GLN A 41 -9.84 16.15 -26.64
N VAL A 42 -9.38 16.28 -25.37
CA VAL A 42 -8.71 15.17 -24.71
C VAL A 42 -9.70 14.05 -24.42
N ARG A 43 -10.85 14.39 -23.82
CA ARG A 43 -11.86 13.39 -23.55
C ARG A 43 -12.30 12.69 -24.83
N GLY A 44 -12.29 13.38 -25.96
CA GLY A 44 -12.58 12.73 -27.23
C GLY A 44 -11.47 11.81 -27.68
N LEU A 45 -10.22 12.20 -27.45
CA LEU A 45 -9.11 11.34 -27.80
C LEU A 45 -9.12 10.05 -27.00
N THR A 46 -9.33 10.15 -25.68
CA THR A 46 -9.29 8.94 -24.84
C THR A 46 -10.51 8.06 -25.09
N GLU A 47 -11.66 8.67 -25.39
CA GLU A 47 -12.82 7.90 -25.83
C GLU A 47 -12.50 7.12 -27.10
N SER A 48 -11.83 7.75 -28.07
CA SER A 48 -11.46 7.07 -29.31
C SER A 48 -10.55 5.88 -29.01
N LEU A 49 -9.55 6.08 -28.16
CA LEU A 49 -8.62 5.00 -27.83
C LEU A 49 -9.35 3.83 -27.17
N ARG A 50 -10.29 4.11 -26.27
CA ARG A 50 -11.05 3.04 -25.63
CA ARG A 50 -11.04 3.03 -25.63
C ARG A 50 -11.92 2.29 -26.62
N LYS A 51 -12.55 3.02 -27.55
CA LYS A 51 -13.43 2.36 -28.51
C LYS A 51 -12.63 1.53 -29.50
N LEU A 52 -11.45 1.97 -29.90
CA LEU A 52 -10.64 1.21 -30.85
C LEU A 52 -10.07 -0.07 -30.25
N CYS A 53 -10.16 -0.25 -28.94
CA CYS A 53 -9.59 -1.40 -28.26
C CYS A 53 -10.69 -2.31 -27.74
N LEU A 54 -10.51 -3.62 -27.93
CA LEU A 54 -11.45 -4.58 -27.38
C LEU A 54 -11.31 -4.67 -25.86
N HIS A 55 -10.09 -4.70 -25.35
CA HIS A 55 -9.79 -4.63 -23.93
C HIS A 55 -9.88 -3.18 -23.42
N HIS A 56 -9.85 -3.02 -22.10
CA HIS A 56 -9.76 -1.68 -21.50
C HIS A 56 -8.31 -1.22 -21.55
N PRO A 57 -7.97 -0.25 -22.40
CA PRO A 57 -6.56 0.09 -22.58
C PRO A 57 -6.02 0.93 -21.45
N VAL A 58 -4.75 0.71 -21.14
CA VAL A 58 -4.01 1.65 -20.31
C VAL A 58 -3.90 2.97 -21.08
N ILE A 59 -4.21 4.07 -20.41
CA ILE A 59 -4.02 5.40 -20.97
C ILE A 59 -3.22 6.18 -19.95
N ALA A 60 -1.95 6.44 -20.25
CA ALA A 60 -0.98 6.89 -19.26
C ALA A 60 -0.41 8.24 -19.65
N VAL A 61 0.20 8.89 -18.66
CA VAL A 61 0.75 10.23 -18.83
C VAL A 61 1.78 10.45 -17.71
N ASP A 62 2.74 11.36 -17.95
CA ASP A 62 3.72 11.77 -16.95
C ASP A 62 3.23 13.06 -16.28
N GLN A 63 2.29 12.92 -15.36
CA GLN A 63 1.75 14.10 -14.66
C GLN A 63 2.37 14.15 -13.26
N GLU A 64 3.63 14.58 -13.22
CA GLU A 64 4.40 14.55 -11.98
C GLU A 64 4.26 15.82 -11.17
N GLY A 65 4.05 16.95 -11.83
CA GLY A 65 4.22 18.25 -11.21
C GLY A 65 5.50 18.92 -11.66
N GLY A 66 5.58 20.22 -11.42
CA GLY A 66 6.77 20.99 -11.75
C GLY A 66 7.10 20.96 -13.23
N ARG A 67 8.30 20.49 -13.57
CA ARG A 67 8.78 20.53 -14.94
C ARG A 67 8.34 19.32 -15.75
N VAL A 68 7.59 18.38 -15.18
CA VAL A 68 7.03 17.26 -15.92
C VAL A 68 5.52 17.33 -15.71
N VAL A 69 4.85 18.09 -16.58
CA VAL A 69 3.42 18.33 -16.54
C VAL A 69 2.95 18.40 -17.98
N ARG A 70 1.85 17.71 -18.28
CA ARG A 70 1.40 17.60 -19.67
C ARG A 70 0.15 18.41 -19.96
N THR A 71 -0.32 19.22 -19.01
CA THR A 71 -1.64 19.86 -19.10
C THR A 71 -1.56 21.39 -19.13
N ALA A 72 -0.40 21.95 -19.49
CA ALA A 72 -0.28 23.41 -19.58
C ALA A 72 -1.35 24.01 -20.49
N SER A 73 -1.62 23.36 -21.64
CA SER A 73 -2.59 23.92 -22.58
C SER A 73 -4.00 23.97 -21.99
N LEU A 74 -4.25 23.24 -20.89
CA LEU A 74 -5.52 23.32 -20.20
C LEU A 74 -5.53 24.37 -19.11
N GLY A 75 -4.38 24.98 -18.84
CA GLY A 75 -4.24 25.86 -17.70
C GLY A 75 -4.03 25.15 -16.39
N LEU A 76 -3.82 23.85 -16.41
CA LEU A 76 -3.68 23.05 -15.19
C LEU A 76 -2.18 22.85 -14.93
N ASN A 77 -1.66 23.57 -13.95
CA ASN A 77 -0.28 23.46 -13.54
C ASN A 77 -0.23 22.94 -12.11
N LEU A 78 0.86 22.26 -11.77
CA LEU A 78 1.05 21.63 -10.48
C LEU A 78 2.46 21.88 -9.98
N PRO A 79 2.65 22.01 -8.66
CA PRO A 79 3.99 22.17 -8.13
C PRO A 79 4.80 20.89 -8.21
N SER A 80 6.11 21.04 -8.13
CA SER A 80 7.02 19.92 -8.21
C SER A 80 7.01 19.14 -6.90
N PRO A 81 7.28 17.83 -6.94
CA PRO A 81 7.48 17.10 -5.68
C PRO A 81 8.54 17.70 -4.78
N ALA A 82 9.67 18.16 -5.33
CA ALA A 82 10.71 18.73 -4.49
C ALA A 82 10.23 19.99 -3.76
N SER A 83 9.40 20.80 -4.43
CA SER A 83 8.90 22.00 -3.79
C SER A 83 7.91 21.67 -2.68
N LEU A 84 7.12 20.62 -2.84
CA LEU A 84 6.24 20.21 -1.74
C LEU A 84 7.04 19.56 -0.61
N ALA A 85 8.12 18.85 -0.94
CA ALA A 85 9.01 18.35 0.11
C ALA A 85 9.64 19.50 0.89
N ARG A 86 10.09 20.54 0.20
CA ARG A 86 10.65 21.71 0.88
C ARG A 86 9.58 22.44 1.68
N LEU A 87 8.40 22.60 1.10
CA LEU A 87 7.29 23.23 1.81
C LEU A 87 6.95 22.50 3.11
N GLY A 88 7.16 21.18 3.13
CA GLY A 88 6.87 20.40 4.32
C GLY A 88 5.41 20.22 4.63
N SER A 89 4.51 20.61 3.73
CA SER A 89 3.08 20.51 4.00
C SER A 89 2.59 19.10 3.68
N VAL A 90 2.08 18.41 4.70
CA VAL A 90 1.51 17.08 4.50
C VAL A 90 0.23 17.18 3.69
N GLY A 91 -0.64 18.13 4.04
CA GLY A 91 -1.84 18.35 3.23
C GLY A 91 -1.55 18.66 1.77
N GLY A 92 -0.44 19.35 1.50
CA GLY A 92 -0.09 19.66 0.13
C GLY A 92 0.24 18.42 -0.70
N ILE A 93 0.85 17.41 -0.06
CA ILE A 93 1.18 16.18 -0.76
C ILE A 93 -0.08 15.37 -1.05
N VAL A 94 -0.95 15.25 -0.04
CA VAL A 94 -2.27 14.63 -0.26
C VAL A 94 -2.96 15.28 -1.46
N GLU A 95 -3.00 16.62 -1.46
CA GLU A 95 -3.75 17.34 -2.48
C GLU A 95 -3.15 17.13 -3.87
N LEU A 96 -1.81 17.02 -3.97
CA LEU A 96 -1.22 16.74 -5.27
C LEU A 96 -1.72 15.41 -5.82
N GLY A 97 -1.72 14.37 -4.97
CA GLY A 97 -2.27 13.09 -5.40
C GLY A 97 -3.75 13.18 -5.72
N ALA A 98 -4.53 13.83 -4.86
CA ALA A 98 -5.98 13.88 -5.04
C ALA A 98 -6.36 14.68 -6.28
N VAL A 99 -5.73 15.84 -6.47
CA VAL A 99 -6.08 16.68 -7.61
C VAL A 99 -5.62 16.04 -8.92
N THR A 100 -4.44 15.43 -8.91
CA THR A 100 -3.96 14.73 -10.09
C THR A 100 -4.92 13.62 -10.49
N ALA A 101 -5.33 12.82 -9.51
CA ALA A 101 -6.30 11.75 -9.79
C ALA A 101 -7.59 12.30 -10.36
N LEU A 102 -8.12 13.36 -9.74
CA LEU A 102 -9.40 13.92 -10.18
C LEU A 102 -9.32 14.41 -11.62
N ALA A 103 -8.25 15.16 -11.94
CA ALA A 103 -8.14 15.74 -13.27
C ALA A 103 -7.88 14.67 -14.34
N LEU A 104 -6.92 13.77 -14.08
CA LEU A 104 -6.65 12.71 -15.04
C LEU A 104 -7.90 11.87 -15.30
N ARG A 105 -8.65 11.59 -14.25
CA ARG A 105 -9.87 10.81 -14.42
C ARG A 105 -10.90 11.58 -15.25
N TYR A 106 -10.97 12.90 -15.09
CA TYR A 106 -11.91 13.67 -15.90
C TYR A 106 -11.51 13.65 -17.37
N LEU A 107 -10.21 13.55 -17.66
CA LEU A 107 -9.74 13.50 -19.04
C LEU A 107 -9.78 12.09 -19.64
N GLY A 108 -10.18 11.09 -18.87
CA GLY A 108 -10.14 9.72 -19.36
C GLY A 108 -8.77 9.09 -19.31
N VAL A 109 -7.86 9.64 -18.53
CA VAL A 109 -6.58 9.00 -18.22
C VAL A 109 -6.80 8.08 -17.03
N ASN A 110 -6.17 6.90 -17.06
CA ASN A 110 -6.38 5.90 -16.02
C ASN A 110 -5.08 5.47 -15.32
N LEU A 111 -3.93 5.97 -15.73
CA LEU A 111 -2.67 5.61 -15.08
C LEU A 111 -1.72 6.80 -15.17
N ASN A 112 -1.00 7.06 -14.08
CA ASN A 112 -0.03 8.13 -14.00
C ASN A 112 1.34 7.53 -13.73
N PHE A 113 2.34 7.97 -14.48
CA PHE A 113 3.71 7.48 -14.30
C PHE A 113 4.33 8.24 -13.14
N ALA A 114 3.90 7.89 -11.93
CA ALA A 114 4.31 8.55 -10.70
C ALA A 114 3.84 7.70 -9.54
N PRO A 115 4.51 7.75 -8.37
CA PRO A 115 5.60 8.67 -8.00
C PRO A 115 6.98 8.30 -8.50
N VAL A 116 7.80 9.32 -8.69
CA VAL A 116 9.25 9.12 -8.77
C VAL A 116 9.76 8.72 -7.39
N LEU A 117 10.37 7.54 -7.30
CA LEU A 117 10.95 7.05 -6.05
C LEU A 117 12.47 7.12 -6.06
N ASP A 118 13.05 7.77 -7.07
CA ASP A 118 14.48 8.04 -7.06
C ASP A 118 14.83 8.90 -5.85
N ILE A 119 16.01 8.66 -5.28
CA ILE A 119 16.51 9.44 -4.17
C ILE A 119 17.48 10.47 -4.71
N CYS A 120 17.34 11.73 -4.28
CA CYS A 120 18.26 12.79 -4.67
C CYS A 120 19.36 12.83 -3.62
N HIS A 121 20.39 11.99 -3.79
CA HIS A 121 21.31 11.74 -2.69
C HIS A 121 22.11 12.98 -2.32
N ASP A 122 22.51 13.77 -3.30
CA ASP A 122 23.36 14.93 -3.07
C ASP A 122 22.86 16.10 -3.90
N PRO A 123 22.77 17.30 -3.29
CA PRO A 123 22.41 18.49 -4.08
C PRO A 123 23.47 18.84 -5.13
N SER A 124 24.50 18.01 -5.25
CA SER A 124 25.55 18.19 -6.26
C SER A 124 25.27 17.40 -7.53
N ALA A 125 24.67 16.22 -7.43
CA ALA A 125 24.32 15.44 -8.61
C ALA A 125 23.43 16.29 -9.51
N ALA A 126 23.94 16.64 -10.70
CA ALA A 126 23.21 17.51 -11.61
C ALA A 126 22.10 16.74 -12.30
N ASN A 127 20.90 17.33 -12.29
CA ASN A 127 19.72 16.73 -12.92
C ASN A 127 19.18 17.72 -13.94
N ALA A 128 19.10 17.29 -15.20
CA ALA A 128 18.60 18.18 -16.25
C ALA A 128 17.16 18.59 -16.00
N LEU A 129 16.36 17.69 -15.41
CA LEU A 129 15.00 17.99 -14.97
C LEU A 129 14.98 18.06 -13.44
N PRO A 130 15.15 19.24 -12.86
CA PRO A 130 15.17 19.36 -11.39
C PRO A 130 13.77 19.22 -10.80
N GLY A 131 13.74 18.84 -9.53
CA GLY A 131 12.52 18.87 -8.75
C GLY A 131 11.69 17.61 -8.76
N ARG A 132 12.12 16.55 -9.44
CA ARG A 132 11.30 15.35 -9.58
C ARG A 132 11.30 14.47 -8.34
N CYS A 133 12.24 14.65 -7.43
CA CYS A 133 12.43 13.73 -6.32
C CYS A 133 11.73 14.20 -5.06
N TRP A 134 11.17 13.25 -4.31
CA TRP A 134 10.47 13.54 -3.08
C TRP A 134 11.38 13.74 -1.87
N GLY A 135 12.68 13.50 -2.00
CA GLY A 135 13.55 13.66 -0.86
C GLY A 135 14.95 13.17 -1.14
N ASP A 136 15.81 13.34 -0.14
CA ASP A 136 17.23 13.03 -0.28
C ASP A 136 17.65 11.78 0.47
N ASN A 137 16.68 11.00 0.94
CA ASN A 137 16.95 9.72 1.59
C ASN A 137 15.73 8.83 1.41
N ALA A 138 15.94 7.52 1.56
CA ALA A 138 14.88 6.55 1.27
C ALA A 138 13.67 6.76 2.17
N GLN A 139 13.88 7.08 3.45
CA GLN A 139 12.77 7.16 4.40
C GLN A 139 11.85 8.34 4.09
N ASP A 140 12.43 9.49 3.73
CA ASP A 140 11.62 10.63 3.29
C ASP A 140 10.90 10.36 1.98
N VAL A 141 11.59 9.73 1.02
CA VAL A 141 10.94 9.38 -0.25
C VAL A 141 9.78 8.42 -0.02
N ILE A 142 9.98 7.43 0.87
CA ILE A 142 8.90 6.49 1.18
C ILE A 142 7.72 7.21 1.81
N SER A 143 8.00 8.11 2.77
CA SER A 143 6.93 8.79 3.49
C SER A 143 6.16 9.72 2.56
N ARG A 144 6.87 10.58 1.83
CA ARG A 144 6.19 11.53 0.96
C ARG A 144 5.64 10.86 -0.28
N GLY A 145 6.43 10.01 -0.93
CA GLY A 145 5.92 9.26 -2.09
C GLY A 145 4.77 8.35 -1.74
N GLY A 146 4.78 7.76 -0.54
CA GLY A 146 3.68 6.90 -0.14
C GLY A 146 2.38 7.65 0.06
N VAL A 147 2.44 8.81 0.73
CA VAL A 147 1.26 9.65 0.86
C VAL A 147 0.73 10.04 -0.51
N TYR A 148 1.63 10.39 -1.44
CA TYR A 148 1.20 10.73 -2.80
C TYR A 148 0.51 9.55 -3.46
N ALA A 149 1.20 8.40 -3.53
CA ALA A 149 0.67 7.24 -4.25
C ALA A 149 -0.67 6.80 -3.66
N SER A 150 -0.79 6.82 -2.33
CA SER A 150 -2.03 6.43 -1.68
C SER A 150 -3.19 7.28 -2.18
N ASN A 151 -3.01 8.60 -2.26
CA ASN A 151 -4.12 9.47 -2.60
C ASN A 151 -4.37 9.56 -4.10
N LEU A 152 -3.33 9.35 -4.91
CA LEU A 152 -3.55 9.10 -6.32
C LEU A 152 -4.45 7.90 -6.53
N ARG A 153 -4.12 6.79 -5.88
CA ARG A 153 -4.90 5.57 -6.05
C ARG A 153 -6.27 5.68 -5.41
N ARG A 154 -6.36 6.40 -4.28
CA ARG A 154 -7.66 6.63 -3.65
C ARG A 154 -8.62 7.33 -4.61
N GLY A 155 -8.10 8.10 -5.56
CA GLY A 155 -8.91 8.77 -6.55
C GLY A 155 -9.19 7.96 -7.79
N GLY A 156 -8.73 6.71 -7.84
CA GLY A 156 -9.04 5.82 -8.94
C GLY A 156 -8.05 5.78 -10.07
N VAL A 157 -6.88 6.41 -9.93
CA VAL A 157 -5.88 6.42 -10.98
C VAL A 157 -4.71 5.56 -10.52
N GLN A 158 -4.25 4.68 -11.40
CA GLN A 158 -3.19 3.75 -11.03
C GLN A 158 -1.84 4.48 -10.98
N SER A 159 -0.93 3.94 -10.17
CA SER A 159 0.35 4.55 -9.91
C SER A 159 1.46 3.75 -10.58
N CYS A 160 2.64 4.35 -10.64
CA CYS A 160 3.80 3.64 -11.17
C CYS A 160 5.07 4.14 -10.49
N GLY A 161 5.74 3.24 -9.79
CA GLY A 161 7.00 3.60 -9.14
C GLY A 161 8.16 3.57 -10.12
N LYS A 162 8.92 4.66 -10.17
CA LYS A 162 10.00 4.78 -11.14
C LYS A 162 11.13 5.58 -10.50
N HIS A 163 12.37 5.34 -10.94
CA HIS A 163 12.72 4.37 -11.97
C HIS A 163 13.56 3.22 -11.39
N PHE A 164 13.00 2.02 -11.36
CA PHE A 164 13.71 0.87 -10.82
C PHE A 164 15.02 0.64 -11.59
N PRO A 165 16.14 0.35 -10.90
CA PRO A 165 16.29 0.07 -9.47
C PRO A 165 16.64 1.26 -8.60
N GLY A 166 16.42 2.49 -9.09
CA GLY A 166 16.74 3.67 -8.32
C GLY A 166 17.73 4.55 -9.03
N MET A 167 17.24 5.56 -9.75
CA MET A 167 18.09 6.37 -10.61
C MET A 167 19.00 7.32 -9.84
N GLY A 168 18.75 7.55 -8.56
CA GLY A 168 19.57 8.49 -7.81
C GLY A 168 21.02 8.08 -7.69
N ARG A 169 21.30 6.78 -7.83
CA ARG A 169 22.66 6.26 -7.70
C ARG A 169 23.37 6.12 -9.04
N ALA A 170 22.69 6.37 -10.16
CA ALA A 170 23.25 6.08 -11.47
C ALA A 170 24.29 7.13 -11.85
N LEU A 171 25.48 6.67 -12.22
CA LEU A 171 26.58 7.54 -12.60
C LEU A 171 27.00 7.26 -14.03
N ALA A 172 27.47 8.30 -14.70
CA ALA A 172 28.07 8.12 -16.01
C ALA A 172 29.41 7.39 -15.87
N ASP A 173 29.64 6.45 -16.77
CA ASP A 173 30.86 5.68 -16.70
C ASP A 173 31.55 5.70 -18.06
N PRO A 174 32.87 5.90 -18.09
CA PRO A 174 33.59 5.88 -19.38
C PRO A 174 33.53 4.52 -20.07
N HIS A 175 33.48 3.42 -19.31
CA HIS A 175 33.51 2.08 -19.87
C HIS A 175 32.13 1.54 -20.23
N PHE A 176 31.10 2.39 -20.24
CA PHE A 176 29.74 1.93 -20.49
C PHE A 176 28.97 3.01 -21.26
N SER A 177 28.07 2.55 -22.12
CA SER A 177 27.25 3.47 -22.90
C SER A 177 26.10 4.03 -22.06
N LEU A 178 25.48 3.20 -21.26
CA LEU A 178 24.36 3.59 -20.40
C LEU A 178 24.87 3.96 -19.01
N PRO A 179 24.06 4.66 -18.21
CA PRO A 179 24.47 4.93 -16.83
C PRO A 179 24.64 3.65 -16.04
N VAL A 180 25.40 3.74 -14.94
CA VAL A 180 25.87 2.57 -14.21
C VAL A 180 25.61 2.75 -12.72
N ILE A 181 25.14 1.69 -12.08
CA ILE A 181 25.03 1.60 -10.64
C ILE A 181 25.95 0.48 -10.18
N GLY A 182 27.09 0.84 -9.62
CA GLY A 182 28.05 -0.13 -9.14
C GLY A 182 27.86 -0.57 -7.70
N LEU A 183 26.79 -0.13 -7.03
CA LEU A 183 26.55 -0.53 -5.66
C LEU A 183 26.26 -2.02 -5.53
N ASP A 184 26.65 -2.58 -4.38
CA ASP A 184 26.25 -3.94 -4.04
C ASP A 184 24.73 -3.99 -3.84
N GLU A 185 24.15 -5.16 -4.12
CA GLU A 185 22.72 -5.35 -3.92
C GLU A 185 22.32 -5.10 -2.47
N ARG A 186 23.13 -5.56 -1.51
CA ARG A 186 22.76 -5.41 -0.11
C ARG A 186 22.64 -3.93 0.27
N GLU A 187 23.53 -3.10 -0.25
CA GLU A 187 23.44 -1.67 0.05
C GLU A 187 22.30 -1.03 -0.74
N LEU A 188 21.99 -1.54 -1.93
CA LEU A 188 20.83 -1.05 -2.68
C LEU A 188 19.54 -1.28 -1.91
N PHE A 189 19.38 -2.47 -1.31
CA PHE A 189 18.14 -2.75 -0.59
C PHE A 189 18.01 -1.92 0.68
N LYS A 190 19.13 -1.46 1.25
CA LYS A 190 19.07 -0.52 2.36
C LYS A 190 18.74 0.90 1.90
N THR A 191 18.92 1.20 0.62
CA THR A 191 18.78 2.57 0.16
C THR A 191 17.87 2.67 -1.07
N ASP A 192 18.44 2.70 -2.28
CA ASP A 192 17.67 3.08 -3.47
C ASP A 192 16.55 2.10 -3.81
N LEU A 193 16.70 0.82 -3.46
CA LEU A 193 15.64 -0.15 -3.69
C LEU A 193 14.59 -0.16 -2.61
N LEU A 194 14.88 0.43 -1.45
CA LEU A 194 13.95 0.37 -0.32
C LEU A 194 12.59 1.00 -0.61
N PRO A 195 12.48 2.16 -1.30
CA PRO A 195 11.14 2.68 -1.58
C PRO A 195 10.29 1.75 -2.41
N PHE A 196 10.88 1.05 -3.38
CA PHE A 196 10.11 0.10 -4.17
C PHE A 196 9.58 -1.03 -3.29
N LEU A 197 10.42 -1.54 -2.40
CA LEU A 197 10.00 -2.64 -1.53
C LEU A 197 8.95 -2.18 -0.52
N ALA A 198 9.18 -1.03 0.11
CA ALA A 198 8.27 -0.54 1.15
C ALA A 198 6.89 -0.16 0.61
N LEU A 199 6.81 0.29 -0.64
CA LEU A 199 5.57 0.83 -1.18
C LEU A 199 4.85 -0.11 -2.16
N CYS A 200 5.28 -1.37 -2.27
CA CYS A 200 4.62 -2.34 -3.16
C CYS A 200 3.10 -2.30 -3.11
N PRO A 201 2.43 -2.27 -1.95
CA PRO A 201 0.96 -2.22 -1.95
C PRO A 201 0.38 -0.98 -2.59
N ALA A 202 1.13 0.12 -2.67
CA ALA A 202 0.64 1.37 -3.24
C ALA A 202 1.05 1.56 -4.69
N LEU A 203 1.83 0.64 -5.25
CA LEU A 203 2.33 0.74 -6.61
C LEU A 203 1.56 -0.23 -7.49
N SER A 204 0.70 0.31 -8.37
CA SER A 204 0.03 -0.50 -9.38
C SER A 204 1.05 -1.14 -10.31
N SER A 205 2.18 -0.48 -10.51
CA SER A 205 3.16 -0.89 -11.50
C SER A 205 4.49 -0.27 -11.12
N ILE A 206 5.53 -0.72 -11.80
CA ILE A 206 6.88 -0.18 -11.65
C ILE A 206 7.49 -0.02 -13.04
N MET A 207 8.26 1.04 -13.24
CA MET A 207 8.95 1.25 -14.50
C MET A 207 10.44 1.03 -14.30
N SER A 208 11.03 0.21 -15.15
CA SER A 208 12.46 -0.08 -15.10
C SER A 208 13.22 0.89 -15.98
N ALA A 209 14.42 1.28 -15.53
CA ALA A 209 15.25 2.23 -16.25
C ALA A 209 16.33 1.51 -17.05
N HIS A 210 16.91 2.24 -18.00
CA HIS A 210 17.98 1.72 -18.86
C HIS A 210 19.34 1.94 -18.18
N ILE A 211 19.53 1.21 -17.08
CA ILE A 211 20.69 1.39 -16.21
C ILE A 211 21.45 0.07 -16.14
N MET A 212 22.77 0.14 -16.07
CA MET A 212 23.61 -1.04 -15.94
C MET A 212 23.86 -1.33 -14.46
N LEU A 213 23.59 -2.58 -14.06
CA LEU A 213 23.88 -3.11 -12.73
C LEU A 213 24.93 -4.19 -12.86
N PRO A 214 26.19 -3.83 -13.10
CA PRO A 214 27.17 -4.83 -13.59
C PRO A 214 27.43 -5.97 -12.62
N GLN A 215 27.26 -5.77 -11.31
CA GLN A 215 27.42 -6.88 -10.36
C GLN A 215 26.33 -7.93 -10.52
N ILE A 216 25.22 -7.58 -11.18
CA ILE A 216 24.13 -8.51 -11.41
C ILE A 216 24.09 -8.97 -12.86
N ASP A 217 24.38 -8.06 -13.80
CA ASP A 217 24.43 -8.39 -15.21
C ASP A 217 25.35 -7.41 -15.93
N PRO A 218 26.53 -7.85 -16.36
CA PRO A 218 27.46 -6.94 -17.04
C PRO A 218 27.14 -6.71 -18.53
N ASP A 219 26.16 -7.42 -19.09
CA ASP A 219 25.92 -7.38 -20.53
C ASP A 219 24.63 -6.70 -20.95
N TYR A 220 23.63 -6.65 -20.07
CA TYR A 220 22.36 -6.07 -20.44
C TYR A 220 21.88 -5.09 -19.37
N PRO A 221 21.31 -3.96 -19.77
CA PRO A 221 20.74 -3.03 -18.80
C PRO A 221 19.51 -3.64 -18.12
N ALA A 222 19.10 -3.00 -17.02
CA ALA A 222 18.04 -3.55 -16.18
C ALA A 222 16.80 -3.91 -16.98
N THR A 223 16.37 -3.03 -17.89
CA THR A 223 15.16 -3.28 -18.68
C THR A 223 15.28 -4.55 -19.52
N LEU A 224 16.50 -4.92 -19.92
CA LEU A 224 16.69 -6.04 -20.82
C LEU A 224 17.42 -7.22 -20.15
N SER A 225 17.53 -7.23 -18.83
CA SER A 225 18.27 -8.26 -18.10
C SER A 225 17.31 -9.17 -17.34
N GLU A 226 17.26 -10.44 -17.76
CA GLU A 226 16.43 -11.41 -17.05
C GLU A 226 16.88 -11.56 -15.60
N ARG A 227 18.18 -11.43 -15.35
CA ARG A 227 18.69 -11.53 -13.98
CA ARG A 227 18.66 -11.54 -13.98
C ARG A 227 18.23 -10.36 -13.13
N VAL A 228 18.12 -9.17 -13.71
CA VAL A 228 17.68 -8.01 -12.94
C VAL A 228 16.17 -8.02 -12.77
N ILE A 229 15.43 -8.36 -13.81
CA ILE A 229 13.97 -8.32 -13.71
C ILE A 229 13.43 -9.56 -13.03
N ARG A 230 13.76 -10.75 -13.53
CA ARG A 230 13.21 -11.96 -12.93
C ARG A 230 13.90 -12.29 -11.60
N GLY A 231 15.19 -11.98 -11.48
CA GLY A 231 15.90 -12.20 -10.25
C GLY A 231 15.65 -11.11 -9.23
N LEU A 232 16.19 -9.92 -9.47
CA LEU A 232 16.14 -8.87 -8.46
C LEU A 232 14.72 -8.35 -8.27
N LEU A 233 14.00 -8.06 -9.35
CA LEU A 233 12.70 -7.40 -9.20
C LEU A 233 11.60 -8.38 -8.78
N ARG A 234 11.44 -9.50 -9.51
CA ARG A 234 10.36 -10.42 -9.22
C ARG A 234 10.63 -11.26 -7.98
N ASP A 235 11.86 -11.78 -7.85
CA ASP A 235 12.14 -12.74 -6.79
C ASP A 235 12.53 -12.06 -5.48
N ARG A 236 13.61 -11.27 -5.48
CA ARG A 236 14.10 -10.71 -4.22
C ARG A 236 13.23 -9.56 -3.74
N LEU A 237 12.90 -8.62 -4.63
CA LEU A 237 12.01 -7.53 -4.24
C LEU A 237 10.57 -7.99 -4.13
N GLY A 238 10.17 -8.99 -4.91
CA GLY A 238 8.85 -9.59 -4.79
C GLY A 238 7.72 -8.88 -5.49
N PHE A 239 8.01 -7.98 -6.44
CA PHE A 239 6.95 -7.20 -7.08
C PHE A 239 6.17 -8.07 -8.06
N ARG A 240 4.85 -8.10 -7.90
CA ARG A 240 3.99 -8.95 -8.72
C ARG A 240 3.19 -8.17 -9.76
N GLY A 241 3.33 -6.84 -9.79
CA GLY A 241 2.56 -6.00 -10.68
C GLY A 241 3.17 -5.86 -12.06
N VAL A 242 2.53 -5.02 -12.87
CA VAL A 242 3.00 -4.77 -14.22
C VAL A 242 4.33 -4.01 -14.16
N VAL A 243 5.26 -4.40 -15.03
CA VAL A 243 6.54 -3.73 -15.18
C VAL A 243 6.59 -3.06 -16.54
N PHE A 244 6.74 -1.73 -16.54
CA PHE A 244 6.98 -0.95 -17.74
C PHE A 244 8.47 -0.77 -17.95
N THR A 245 8.84 -0.41 -19.17
CA THR A 245 10.19 0.00 -19.49
C THR A 245 10.25 1.51 -19.66
N ASP A 246 11.44 2.06 -19.45
CA ASP A 246 11.77 3.41 -19.90
C ASP A 246 11.50 3.51 -21.40
N ASP A 247 11.32 4.73 -21.92
CA ASP A 247 11.04 4.90 -23.34
C ASP A 247 12.13 4.25 -24.18
N LEU A 248 11.71 3.52 -25.21
CA LEU A 248 12.64 2.84 -26.09
C LEU A 248 13.00 3.65 -27.33
N CYS A 249 12.40 4.82 -27.51
CA CYS A 249 12.51 5.57 -28.76
C CYS A 249 13.49 6.73 -28.70
N MET A 250 13.74 7.30 -27.52
CA MET A 250 14.73 8.34 -27.33
C MET A 250 15.80 7.85 -26.38
N GLY A 251 16.95 8.53 -26.42
CA GLY A 251 17.99 8.35 -25.41
C GLY A 251 19.10 7.43 -25.86
N ALA A 252 20.07 7.25 -24.96
CA ALA A 252 21.23 6.42 -25.25
C ALA A 252 20.86 4.98 -25.58
N ILE A 253 19.68 4.51 -25.14
CA ILE A 253 19.28 3.13 -25.43
C ILE A 253 19.15 2.91 -26.93
N THR A 254 18.87 3.98 -27.69
CA THR A 254 18.69 3.83 -29.13
C THR A 254 20.00 3.65 -29.86
N THR A 255 21.13 3.97 -29.22
CA THR A 255 22.44 3.72 -29.81
C THR A 255 22.91 2.29 -29.59
N GLN A 256 22.11 1.46 -28.93
CA GLN A 256 22.42 0.07 -28.65
C GLN A 256 21.45 -0.91 -29.30
N TYR A 257 20.16 -0.57 -29.39
CA TYR A 257 19.15 -1.44 -29.96
C TYR A 257 18.12 -0.59 -30.68
N SER A 258 17.48 -1.19 -31.68
CA SER A 258 16.31 -0.54 -32.26
C SER A 258 15.09 -0.87 -31.40
N PRO A 259 14.06 -0.01 -31.44
CA PRO A 259 12.95 -0.18 -30.49
C PRO A 259 12.25 -1.52 -30.58
N ASP A 260 12.21 -2.18 -31.74
CA ASP A 260 11.48 -3.44 -31.82
C ASP A 260 12.24 -4.57 -31.15
N ASP A 261 13.57 -4.59 -31.29
CA ASP A 261 14.36 -5.63 -30.63
C ASP A 261 14.40 -5.39 -29.12
N ALA A 262 14.57 -4.14 -28.70
CA ALA A 262 14.58 -3.82 -27.27
C ALA A 262 13.27 -4.20 -26.61
N ALA A 263 12.14 -3.91 -27.28
CA ALA A 263 10.84 -4.31 -26.73
C ALA A 263 10.75 -5.81 -26.56
N PHE A 264 11.19 -6.57 -27.58
CA PHE A 264 11.20 -8.03 -27.45
C PHE A 264 12.09 -8.46 -26.30
N LEU A 265 13.29 -7.89 -26.21
CA LEU A 265 14.23 -8.29 -25.17
C LEU A 265 13.69 -7.99 -23.78
N SER A 266 12.97 -6.87 -23.62
CA SER A 266 12.42 -6.55 -22.31
C SER A 266 11.33 -7.52 -21.91
N LEU A 267 10.54 -8.00 -22.88
CA LEU A 267 9.55 -9.03 -22.60
C LEU A 267 10.23 -10.35 -22.26
N LYS A 268 11.30 -10.68 -22.98
CA LYS A 268 12.08 -11.87 -22.67
C LYS A 268 12.62 -11.81 -21.25
N ALA A 269 13.10 -10.63 -20.83
CA ALA A 269 13.67 -10.45 -19.50
C ALA A 269 12.62 -10.48 -18.40
N GLY A 270 11.35 -10.35 -18.74
CA GLY A 270 10.28 -10.38 -17.76
C GLY A 270 9.52 -9.07 -17.59
N CYS A 271 9.82 -8.00 -18.31
CA CYS A 271 8.93 -6.85 -18.31
C CYS A 271 7.62 -7.19 -19.00
N ASP A 272 6.57 -6.44 -18.69
CA ASP A 272 5.26 -6.70 -19.26
C ASP A 272 4.90 -5.77 -20.41
N LEU A 273 5.23 -4.47 -20.30
CA LEU A 273 4.78 -3.48 -21.28
C LEU A 273 5.90 -2.49 -21.58
N PRO A 274 6.73 -2.78 -22.57
CA PRO A 274 7.70 -1.78 -23.03
C PRO A 274 7.00 -0.54 -23.57
N LEU A 275 7.66 0.61 -23.43
CA LEU A 275 7.14 1.89 -23.86
C LEU A 275 7.76 2.26 -25.19
N ILE A 276 6.92 2.36 -26.22
CA ILE A 276 7.33 2.82 -27.54
C ILE A 276 6.64 4.16 -27.79
N CYS A 277 7.27 5.24 -27.31
CA CYS A 277 6.57 6.50 -27.10
C CYS A 277 6.49 7.38 -28.34
N HIS A 278 7.52 7.40 -29.18
CA HIS A 278 7.62 8.39 -30.24
C HIS A 278 7.86 7.69 -31.56
N ASP A 279 6.96 7.93 -32.52
CA ASP A 279 6.95 7.28 -33.82
C ASP A 279 6.93 5.76 -33.67
N PRO A 280 5.87 5.20 -33.06
CA PRO A 280 5.88 3.75 -32.75
C PRO A 280 5.65 2.84 -33.95
N LEU A 281 4.92 3.33 -34.96
CA LEU A 281 4.40 2.46 -36.00
C LEU A 281 5.46 1.64 -36.75
N PRO A 282 6.64 2.16 -37.10
CA PRO A 282 7.63 1.32 -37.80
C PRO A 282 8.06 0.07 -37.03
N TRP A 283 7.87 0.03 -35.72
CA TRP A 283 8.42 -1.05 -34.91
C TRP A 283 7.40 -2.10 -34.48
N LEU A 284 6.10 -1.84 -34.65
CA LEU A 284 5.09 -2.68 -34.01
C LEU A 284 5.00 -4.06 -34.68
N ASP A 285 5.15 -4.11 -36.01
CA ASP A 285 5.00 -5.39 -36.70
C ASP A 285 6.12 -6.35 -36.34
N GLY A 286 7.37 -5.88 -36.32
CA GLY A 286 8.47 -6.73 -35.92
C GLY A 286 8.31 -7.26 -34.50
N LEU A 287 7.78 -6.43 -33.60
CA LEU A 287 7.52 -6.90 -32.24
C LEU A 287 6.42 -7.96 -32.23
N ALA A 288 5.30 -7.69 -32.90
CA ALA A 288 4.19 -8.63 -32.88
C ALA A 288 4.56 -9.96 -33.54
N SER A 289 5.52 -9.95 -34.47
CA SER A 289 5.95 -11.19 -35.09
C SER A 289 6.82 -12.02 -34.15
N ARG A 290 7.80 -11.38 -33.50
CA ARG A 290 8.70 -12.08 -32.59
C ARG A 290 8.01 -12.56 -31.32
N GLN A 291 6.72 -12.26 -31.14
CA GLN A 291 6.06 -12.52 -29.86
C GLN A 291 5.93 -14.02 -29.60
N GLU A 292 5.47 -14.79 -30.59
CA GLU A 292 5.26 -16.22 -30.40
C GLU A 292 6.57 -16.99 -30.22
N SER A 293 7.71 -16.32 -30.30
CA SER A 293 9.00 -16.90 -29.98
C SER A 293 9.31 -16.86 -28.48
N LEU A 294 8.41 -16.32 -27.67
CA LEU A 294 8.59 -16.27 -26.23
C LEU A 294 8.01 -17.52 -25.57
N ASN A 295 8.59 -17.88 -24.42
CA ASN A 295 8.08 -18.99 -23.62
C ASN A 295 6.59 -18.78 -23.34
N ALA A 296 5.78 -19.80 -23.67
CA ALA A 296 4.33 -19.63 -23.57
C ALA A 296 3.87 -19.41 -22.13
N TYR A 297 4.54 -20.05 -21.15
CA TYR A 297 4.16 -19.85 -19.76
C TYR A 297 4.52 -18.44 -19.27
N ASP A 298 5.72 -17.96 -19.63
CA ASP A 298 6.08 -16.58 -19.31
C ASP A 298 5.08 -15.60 -19.92
N ARG A 299 4.66 -15.83 -21.16
CA ARG A 299 3.66 -14.97 -21.77
C ARG A 299 2.34 -15.04 -20.99
N TRP A 300 1.97 -16.22 -20.51
CA TRP A 300 0.72 -16.32 -19.75
C TRP A 300 0.82 -15.58 -18.42
N ASP A 301 1.95 -15.72 -17.70
CA ASP A 301 2.13 -14.95 -16.47
C ASP A 301 2.02 -13.46 -16.74
N SER A 302 2.73 -12.97 -17.75
CA SER A 302 2.72 -11.54 -18.05
C SER A 302 1.35 -11.05 -18.46
N PHE A 303 0.61 -11.85 -19.24
CA PHE A 303 -0.74 -11.45 -19.63
C PHE A 303 -1.66 -11.34 -18.42
N LYS A 304 -1.53 -12.26 -17.45
CA LYS A 304 -2.36 -12.19 -16.26
C LYS A 304 -2.07 -10.95 -15.43
N ARG A 305 -0.82 -10.48 -15.43
CA ARG A 305 -0.51 -9.22 -14.76
C ARG A 305 -1.12 -8.03 -15.49
N VAL A 306 -0.98 -8.00 -16.81
CA VAL A 306 -1.58 -6.91 -17.58
C VAL A 306 -3.09 -6.92 -17.43
N GLU A 307 -3.69 -8.12 -17.46
CA GLU A 307 -5.14 -8.25 -17.31
C GLU A 307 -5.60 -7.73 -15.96
N LYS A 308 -4.85 -8.01 -14.89
CA LYS A 308 -5.20 -7.50 -13.57
C LYS A 308 -5.15 -5.97 -13.54
N LEU A 309 -4.12 -5.38 -14.15
CA LEU A 309 -4.05 -3.93 -14.25
C LEU A 309 -5.26 -3.38 -15.02
N SER A 310 -5.52 -3.96 -16.20
CA SER A 310 -6.63 -3.51 -17.03
C SER A 310 -7.95 -3.54 -16.27
N ASP A 311 -8.15 -4.56 -15.44
CA ASP A 311 -9.40 -4.69 -14.69
C ASP A 311 -9.52 -3.67 -13.57
N SER A 312 -8.41 -3.06 -13.16
CA SER A 312 -8.45 -2.03 -12.14
C SER A 312 -8.58 -0.62 -12.73
N LEU A 313 -8.49 -0.48 -14.05
CA LEU A 313 -8.52 0.84 -14.66
C LEU A 313 -9.88 1.48 -14.50
N CYS A 314 -9.88 2.79 -14.27
CA CYS A 314 -11.15 3.47 -14.10
CA CYS A 314 -11.08 3.60 -14.06
C CYS A 314 -11.54 4.21 -15.36
N PHE A 315 -12.84 4.47 -15.47
CA PHE A 315 -13.39 5.13 -16.64
C PHE A 315 -13.53 6.61 -16.37
N PRO A 316 -13.59 7.44 -17.43
CA PRO A 316 -13.69 8.89 -17.20
C PRO A 316 -14.97 9.24 -16.46
N PHE A 317 -14.90 10.33 -15.69
CA PHE A 317 -16.09 10.86 -15.05
C PHE A 317 -17.10 11.29 -16.11
N PRO A 318 -18.39 11.23 -15.80
CA PRO A 318 -19.38 11.85 -16.69
C PRO A 318 -19.09 13.33 -16.85
N GLU A 319 -19.49 13.87 -18.02
CA GLU A 319 -19.26 15.27 -18.29
C GLU A 319 -19.95 16.12 -17.24
N LYS A 320 -19.20 17.07 -16.67
CA LYS A 320 -19.73 17.96 -15.65
C LYS A 320 -18.73 19.12 -15.50
N ALA A 321 -19.10 20.27 -16.07
CA ALA A 321 -18.18 21.40 -16.13
C ALA A 321 -17.73 21.83 -14.74
N SER A 322 -18.63 21.82 -13.76
CA SER A 322 -18.25 22.29 -12.44
C SER A 322 -17.20 21.38 -11.81
N LEU A 323 -17.20 20.10 -12.18
CA LEU A 323 -16.15 19.20 -11.70
C LEU A 323 -14.79 19.64 -12.23
N TRP A 324 -14.70 19.96 -13.52
CA TRP A 324 -13.42 20.38 -14.07
C TRP A 324 -12.98 21.72 -13.51
N ASP A 325 -13.91 22.64 -13.24
CA ASP A 325 -13.55 23.92 -12.66
C ASP A 325 -12.92 23.73 -11.29
N SER A 326 -13.41 22.76 -10.51
CA SER A 326 -12.80 22.45 -9.22
C SER A 326 -11.38 21.93 -9.39
N CYS A 327 -11.14 21.11 -10.42
CA CYS A 327 -9.78 20.69 -10.70
C CYS A 327 -8.87 21.88 -10.92
N LEU A 328 -9.28 22.81 -11.79
CA LEU A 328 -8.50 24.02 -12.01
C LEU A 328 -8.36 24.83 -10.74
N ARG A 329 -9.45 24.97 -9.98
CA ARG A 329 -9.39 25.78 -8.77
C ARG A 329 -8.42 25.19 -7.75
N ARG A 330 -8.47 23.86 -7.58
CA ARG A 330 -7.62 23.25 -6.57
C ARG A 330 -6.17 23.20 -7.01
N ALA A 331 -5.93 23.01 -8.31
CA ALA A 331 -4.57 23.04 -8.83
C ALA A 331 -3.96 24.42 -8.67
N GLU A 332 -4.71 25.46 -9.02
CA GLU A 332 -4.22 26.82 -8.81
C GLU A 332 -3.94 27.08 -7.33
N ALA A 333 -4.86 26.66 -6.45
CA ALA A 333 -4.65 26.87 -5.02
C ALA A 333 -3.44 26.10 -4.51
N LEU A 334 -3.17 24.93 -5.09
CA LEU A 334 -2.00 24.16 -4.70
C LEU A 334 -0.72 24.87 -5.13
N CYS A 335 -0.72 25.47 -6.32
CA CYS A 335 0.46 26.22 -6.74
C CYS A 335 0.69 27.44 -5.85
N ARG A 336 -0.38 28.16 -5.50
CA ARG A 336 -0.22 29.32 -4.62
C ARG A 336 0.22 28.91 -3.22
N LEU A 337 -0.21 27.74 -2.75
CA LEU A 337 0.23 27.26 -1.43
C LEU A 337 1.74 27.14 -1.38
N GLU A 338 2.33 26.49 -2.39
CA GLU A 338 3.78 26.35 -2.43
C GLU A 338 4.45 27.70 -2.62
N GLU A 339 3.91 28.54 -3.51
CA GLU A 339 4.49 29.85 -3.73
C GLU A 339 4.49 30.69 -2.47
N ASP A 340 3.40 30.64 -1.70
CA ASP A 340 3.31 31.45 -0.48
C ASP A 340 4.21 30.94 0.63
N GLY A 341 4.58 29.65 0.59
CA GLY A 341 5.40 29.06 1.62
C GLY A 341 6.89 29.20 1.43
N ARG A 342 7.33 29.67 0.26
CA ARG A 342 8.74 29.97 0.06
C ARG A 342 9.18 31.12 0.96
N MET B 1 -25.45 -10.56 12.24
CA MET B 1 -24.05 -10.53 12.64
C MET B 1 -23.82 -9.51 13.74
N LEU B 2 -23.22 -9.95 14.85
CA LEU B 2 -22.89 -9.04 15.93
C LEU B 2 -21.61 -8.28 15.57
N PRO B 3 -21.62 -6.95 15.53
CA PRO B 3 -20.41 -6.19 15.15
C PRO B 3 -19.40 -6.07 16.30
N ALA B 4 -18.65 -7.15 16.54
CA ALA B 4 -17.58 -7.15 17.52
C ALA B 4 -16.70 -8.36 17.28
N LEU B 5 -15.47 -8.27 17.78
CA LEU B 5 -14.62 -9.43 18.00
C LEU B 5 -14.74 -9.84 19.45
N ILE B 6 -14.81 -11.14 19.71
CA ILE B 6 -14.90 -11.61 21.08
C ILE B 6 -13.78 -12.60 21.34
N GLY B 7 -13.40 -12.67 22.61
CA GLY B 7 -12.39 -13.62 23.03
C GLY B 7 -12.96 -15.00 23.29
N ILE B 8 -12.06 -15.97 23.40
CA ILE B 8 -12.42 -17.36 23.68
C ILE B 8 -11.63 -17.82 24.88
N SER B 9 -12.30 -18.54 25.79
CA SER B 9 -11.69 -18.89 27.06
C SER B 9 -10.51 -19.85 26.88
N GLY B 10 -10.71 -20.92 26.09
CA GLY B 10 -9.78 -22.05 26.17
C GLY B 10 -9.37 -22.69 24.85
N HIS B 11 -8.92 -23.95 24.93
CA HIS B 11 -8.39 -24.65 23.76
C HIS B 11 -9.49 -25.09 22.80
N GLU B 12 -10.74 -25.17 23.26
CA GLU B 12 -11.87 -25.49 22.42
C GLU B 12 -13.01 -24.55 22.77
N VAL B 13 -13.97 -24.44 21.86
CA VAL B 13 -15.14 -23.61 22.11
C VAL B 13 -15.96 -24.24 23.24
N GLY B 14 -16.17 -23.47 24.30
CA GLY B 14 -17.00 -23.92 25.40
C GLY B 14 -18.47 -23.98 25.03
N ALA B 15 -19.28 -24.49 25.95
CA ALA B 15 -20.70 -24.69 25.65
C ALA B 15 -21.46 -23.37 25.61
N GLU B 16 -21.25 -22.51 26.62
CA GLU B 16 -21.89 -21.20 26.61
C GLU B 16 -21.41 -20.39 25.42
N GLU B 17 -20.10 -20.41 25.13
CA GLU B 17 -19.57 -19.69 23.97
C GLU B 17 -20.25 -20.16 22.69
N GLU B 18 -20.36 -21.49 22.51
CA GLU B 18 -20.92 -21.99 21.26
C GLU B 18 -22.37 -21.57 21.08
N ALA B 19 -23.15 -21.60 22.16
CA ALA B 19 -24.55 -21.18 22.07
C ALA B 19 -24.67 -19.70 21.71
N ALA B 20 -23.84 -18.85 22.31
CA ALA B 20 -23.88 -17.43 21.98
C ALA B 20 -23.39 -17.17 20.56
N ILE B 21 -22.40 -17.91 20.10
CA ILE B 21 -21.90 -17.74 18.74
C ILE B 21 -22.98 -18.10 17.73
N ARG B 22 -23.67 -19.22 17.94
CA ARG B 22 -24.73 -19.63 17.02
C ARG B 22 -25.83 -18.59 16.97
N ARG B 23 -26.22 -18.06 18.13
CA ARG B 23 -27.35 -17.14 18.20
C ARG B 23 -27.00 -15.74 17.70
N LEU B 24 -25.80 -15.24 18.01
CA LEU B 24 -25.46 -13.85 17.75
C LEU B 24 -24.53 -13.64 16.56
N GLN B 25 -23.82 -14.68 16.13
CA GLN B 25 -22.98 -14.63 14.95
C GLN B 25 -21.97 -13.46 14.98
N PRO B 26 -21.04 -13.46 15.94
CA PRO B 26 -20.09 -12.34 16.01
C PRO B 26 -19.24 -12.27 14.74
N ALA B 27 -18.84 -11.05 14.40
CA ALA B 27 -18.03 -10.84 13.20
C ALA B 27 -16.72 -11.63 13.27
N GLY B 28 -16.21 -11.88 14.46
CA GLY B 28 -14.99 -12.64 14.56
C GLY B 28 -14.51 -12.78 15.98
N PHE B 29 -13.24 -13.17 16.10
CA PHE B 29 -12.67 -13.61 17.35
C PHE B 29 -11.24 -13.14 17.41
N ILE B 30 -10.74 -12.92 18.62
CA ILE B 30 -9.33 -12.68 18.85
C ILE B 30 -8.82 -13.76 19.79
N LEU B 31 -7.67 -14.33 19.46
CA LEU B 31 -7.08 -15.40 20.25
C LEU B 31 -5.88 -14.88 21.03
N PHE B 32 -5.64 -15.50 22.18
CA PHE B 32 -4.51 -15.21 23.06
C PHE B 32 -3.77 -16.51 23.33
N SER B 33 -2.68 -16.40 24.11
CA SER B 33 -1.89 -17.59 24.43
C SER B 33 -2.74 -18.69 25.07
N ARG B 34 -3.78 -18.30 25.81
CA ARG B 34 -4.66 -19.29 26.44
C ARG B 34 -5.36 -20.19 25.43
N ASN B 35 -5.43 -19.80 24.15
CA ASN B 35 -6.08 -20.59 23.11
C ASN B 35 -5.10 -21.37 22.25
N ILE B 36 -3.80 -21.25 22.50
CA ILE B 36 -2.77 -21.77 21.60
C ILE B 36 -1.87 -22.70 22.42
N ASP B 37 -2.01 -24.00 22.21
CA ASP B 37 -1.24 -25.02 22.94
C ASP B 37 -0.48 -25.95 22.00
N SER B 38 -1.13 -26.52 21.00
CA SER B 38 -0.45 -27.31 19.98
C SER B 38 -1.03 -26.96 18.62
N VAL B 39 -0.26 -27.24 17.58
CA VAL B 39 -0.66 -26.92 16.21
C VAL B 39 -2.00 -27.56 15.88
N GLU B 40 -2.12 -28.86 16.15
CA GLU B 40 -3.35 -29.57 15.84
C GLU B 40 -4.52 -28.99 16.61
N GLN B 41 -4.30 -28.67 17.88
CA GLN B 41 -5.37 -28.09 18.70
C GLN B 41 -5.79 -26.72 18.17
N VAL B 42 -4.82 -25.89 17.75
CA VAL B 42 -5.15 -24.57 17.22
C VAL B 42 -5.97 -24.71 15.94
N ARG B 43 -5.49 -25.54 15.01
CA ARG B 43 -6.22 -25.72 13.75
C ARG B 43 -7.62 -26.27 13.99
N GLY B 44 -7.79 -27.10 15.02
CA GLY B 44 -9.12 -27.54 15.38
C GLY B 44 -9.97 -26.39 15.91
N LEU B 45 -9.40 -25.53 16.74
CA LEU B 45 -10.14 -24.41 17.28
C LEU B 45 -10.57 -23.46 16.16
N THR B 46 -9.65 -23.08 15.27
CA THR B 46 -10.01 -22.11 14.23
C THR B 46 -11.00 -22.71 13.23
N GLU B 47 -10.82 -23.98 12.88
CA GLU B 47 -11.80 -24.67 12.04
C GLU B 47 -13.17 -24.67 12.71
N SER B 48 -13.21 -24.85 14.03
CA SER B 48 -14.48 -24.82 14.75
C SER B 48 -15.12 -23.44 14.68
N LEU B 49 -14.34 -22.37 14.85
CA LEU B 49 -14.90 -21.03 14.77
C LEU B 49 -15.53 -20.77 13.41
N ARG B 50 -14.85 -21.17 12.33
CA ARG B 50 -15.39 -20.94 10.99
C ARG B 50 -16.68 -21.71 10.75
N LYS B 51 -16.75 -22.96 11.23
CA LYS B 51 -17.94 -23.76 10.99
C LYS B 51 -19.15 -23.22 11.75
N LEU B 52 -18.93 -22.57 12.90
CA LEU B 52 -20.03 -22.01 13.66
C LEU B 52 -20.60 -20.75 13.04
N CYS B 53 -19.84 -20.05 12.20
CA CYS B 53 -20.28 -18.79 11.63
C CYS B 53 -20.75 -18.99 10.20
N LEU B 54 -21.89 -18.36 9.87
CA LEU B 54 -22.34 -18.35 8.48
C LEU B 54 -21.37 -17.57 7.59
N HIS B 55 -20.94 -16.40 8.05
CA HIS B 55 -19.93 -15.61 7.37
C HIS B 55 -18.53 -16.19 7.63
N HIS B 56 -17.55 -15.69 6.90
CA HIS B 56 -16.16 -16.01 7.14
C HIS B 56 -15.65 -15.11 8.27
N PRO B 57 -15.46 -15.63 9.48
CA PRO B 57 -15.16 -14.75 10.61
C PRO B 57 -13.72 -14.27 10.62
N VAL B 58 -13.54 -13.05 11.14
CA VAL B 58 -12.21 -12.59 11.49
C VAL B 58 -11.67 -13.49 12.59
N ILE B 59 -10.44 -13.95 12.45
CA ILE B 59 -9.76 -14.70 13.51
C ILE B 59 -8.39 -14.05 13.67
N ALA B 60 -8.24 -13.25 14.73
CA ALA B 60 -7.11 -12.34 14.87
C ALA B 60 -6.24 -12.69 16.08
N VAL B 61 -4.98 -12.23 16.01
CA VAL B 61 -4.00 -12.47 17.06
CA VAL B 61 -4.00 -12.48 17.05
C VAL B 61 -3.05 -11.29 17.12
N ASP B 62 -2.37 -11.14 18.25
CA ASP B 62 -1.32 -10.14 18.45
C ASP B 62 0.03 -10.83 18.25
N GLN B 63 0.42 -10.99 16.98
CA GLN B 63 1.69 -11.65 16.66
C GLN B 63 2.67 -10.61 16.12
N GLU B 64 3.14 -9.76 17.03
CA GLU B 64 4.02 -8.65 16.66
C GLU B 64 5.49 -9.05 16.58
N GLY B 65 5.91 -10.03 17.37
CA GLY B 65 7.31 -10.32 17.59
C GLY B 65 7.72 -10.01 19.03
N GLY B 66 8.87 -10.55 19.43
CA GLY B 66 9.42 -10.24 20.74
C GLY B 66 8.53 -10.70 21.86
N ARG B 67 8.17 -9.76 22.75
CA ARG B 67 7.36 -10.06 23.91
C ARG B 67 5.87 -10.15 23.60
N VAL B 68 5.46 -9.77 22.41
CA VAL B 68 4.06 -9.91 22.02
C VAL B 68 3.99 -10.95 20.91
N VAL B 69 3.98 -12.22 21.29
CA VAL B 69 3.64 -13.33 20.39
C VAL B 69 2.72 -14.25 21.17
N ARG B 70 1.88 -14.97 20.46
CA ARG B 70 0.95 -15.89 21.11
C ARG B 70 1.29 -17.35 20.84
N THR B 71 2.45 -17.64 20.24
CA THR B 71 2.77 -18.98 19.77
C THR B 71 3.90 -19.63 20.56
N ALA B 72 4.16 -19.17 21.79
CA ALA B 72 5.29 -19.71 22.55
C ALA B 72 5.10 -21.18 22.85
N SER B 73 3.87 -21.59 23.17
CA SER B 73 3.54 -22.99 23.42
C SER B 73 3.76 -23.86 22.19
N LEU B 74 3.92 -23.27 21.01
CA LEU B 74 4.24 -24.02 19.80
C LEU B 74 5.73 -24.05 19.53
N GLY B 75 6.53 -23.39 20.37
CA GLY B 75 7.95 -23.23 20.11
C GLY B 75 8.29 -22.20 19.06
N LEU B 76 7.33 -21.38 18.63
CA LEU B 76 7.57 -20.40 17.59
C LEU B 76 7.73 -19.02 18.23
N ASN B 77 8.97 -18.55 18.25
CA ASN B 77 9.29 -17.21 18.75
C ASN B 77 9.85 -16.37 17.61
N LEU B 78 9.75 -15.06 17.77
CA LEU B 78 10.16 -14.13 16.72
C LEU B 78 10.84 -12.93 17.36
N PRO B 79 11.85 -12.36 16.70
CA PRO B 79 12.48 -11.15 17.24
C PRO B 79 11.50 -10.00 17.31
N SER B 80 11.83 -9.02 18.15
CA SER B 80 10.93 -7.89 18.31
C SER B 80 11.14 -6.90 17.16
N PRO B 81 10.09 -6.13 16.80
CA PRO B 81 10.30 -5.05 15.82
C PRO B 81 11.50 -4.17 16.15
N ALA B 82 11.63 -3.76 17.42
CA ALA B 82 12.70 -2.81 17.76
C ALA B 82 14.07 -3.44 17.61
N SER B 83 14.21 -4.74 17.93
CA SER B 83 15.49 -5.40 17.70
C SER B 83 15.83 -5.43 16.21
N LEU B 84 14.84 -5.67 15.36
CA LEU B 84 15.09 -5.64 13.93
C LEU B 84 15.44 -4.23 13.45
N ALA B 85 14.79 -3.20 14.01
CA ALA B 85 15.15 -1.82 13.68
C ALA B 85 16.58 -1.50 14.09
N ARG B 86 17.00 -1.95 15.28
CA ARG B 86 18.39 -1.74 15.71
C ARG B 86 19.35 -2.45 14.77
N LEU B 87 19.00 -3.66 14.36
CA LEU B 87 19.85 -4.43 13.45
C LEU B 87 19.97 -3.73 12.10
N GLY B 88 18.89 -3.11 11.64
CA GLY B 88 18.87 -2.51 10.32
C GLY B 88 18.76 -3.48 9.18
N SER B 89 18.38 -4.73 9.46
CA SER B 89 18.25 -5.75 8.42
C SER B 89 16.94 -5.54 7.67
N VAL B 90 17.04 -5.20 6.39
CA VAL B 90 15.83 -5.13 5.58
C VAL B 90 15.27 -6.53 5.36
N GLY B 91 16.13 -7.49 5.03
CA GLY B 91 15.69 -8.85 4.83
C GLY B 91 15.03 -9.45 6.06
N GLY B 92 15.50 -9.09 7.25
CA GLY B 92 14.86 -9.58 8.46
C GLY B 92 13.45 -9.07 8.64
N ILE B 93 13.19 -7.82 8.23
CA ILE B 93 11.85 -7.27 8.32
C ILE B 93 10.93 -7.95 7.32
N VAL B 94 11.37 -8.08 6.08
CA VAL B 94 10.66 -8.91 5.10
C VAL B 94 10.34 -10.27 5.70
N GLU B 95 11.36 -10.91 6.29
CA GLU B 95 11.18 -12.28 6.78
C GLU B 95 10.25 -12.33 7.98
N LEU B 96 10.28 -11.32 8.86
CA LEU B 96 9.31 -11.30 9.95
C LEU B 96 7.89 -11.28 9.41
N GLY B 97 7.63 -10.45 8.39
CA GLY B 97 6.31 -10.42 7.81
C GLY B 97 5.95 -11.73 7.13
N ALA B 98 6.89 -12.26 6.34
CA ALA B 98 6.63 -13.47 5.56
C ALA B 98 6.36 -14.68 6.45
N VAL B 99 7.24 -14.93 7.44
CA VAL B 99 7.06 -16.10 8.31
CA VAL B 99 7.04 -16.11 8.27
C VAL B 99 5.81 -15.96 9.15
N THR B 100 5.49 -14.73 9.59
CA THR B 100 4.30 -14.53 10.40
C THR B 100 3.05 -14.88 9.59
N ALA B 101 2.97 -14.38 8.35
CA ALA B 101 1.87 -14.78 7.47
C ALA B 101 1.81 -16.30 7.32
N LEU B 102 2.93 -16.93 6.98
CA LEU B 102 2.93 -18.37 6.74
C LEU B 102 2.45 -19.12 7.98
N ALA B 103 2.98 -18.77 9.15
CA ALA B 103 2.62 -19.44 10.40
C ALA B 103 1.16 -19.23 10.76
N LEU B 104 0.70 -17.98 10.73
CA LEU B 104 -0.69 -17.70 11.09
C LEU B 104 -1.65 -18.39 10.12
N ARG B 105 -1.35 -18.34 8.83
CA ARG B 105 -2.22 -18.99 7.88
C ARG B 105 -2.28 -20.50 8.11
N TYR B 106 -1.14 -21.12 8.47
CA TYR B 106 -1.18 -22.55 8.76
C TYR B 106 -2.04 -22.85 9.97
N LEU B 107 -2.11 -21.93 10.94
CA LEU B 107 -2.91 -22.17 12.12
C LEU B 107 -4.39 -21.86 11.90
N GLY B 108 -4.74 -21.28 10.75
CA GLY B 108 -6.11 -20.85 10.53
C GLY B 108 -6.43 -19.46 11.03
N VAL B 109 -5.41 -18.65 11.30
CA VAL B 109 -5.58 -17.24 11.66
C VAL B 109 -5.51 -16.42 10.38
N ASN B 110 -6.38 -15.41 10.26
CA ASN B 110 -6.48 -14.65 9.02
C ASN B 110 -6.24 -13.15 9.18
N LEU B 111 -5.99 -12.65 10.39
CA LEU B 111 -5.66 -11.25 10.59
C LEU B 111 -4.67 -11.12 11.74
N ASN B 112 -3.68 -10.25 11.57
CA ASN B 112 -2.69 -9.96 12.59
C ASN B 112 -2.81 -8.50 13.01
N PHE B 113 -2.85 -8.25 14.32
CA PHE B 113 -2.94 -6.89 14.85
C PHE B 113 -1.55 -6.27 14.87
N ALA B 114 -1.08 -5.92 13.67
CA ALA B 114 0.25 -5.36 13.45
C ALA B 114 0.30 -4.85 12.01
N PRO B 115 1.20 -3.89 11.71
CA PRO B 115 2.28 -3.30 12.51
C PRO B 115 1.84 -2.27 13.53
N VAL B 116 2.51 -2.26 14.68
CA VAL B 116 2.49 -1.10 15.57
C VAL B 116 3.11 0.07 14.82
N LEU B 117 2.35 1.17 14.69
CA LEU B 117 2.84 2.36 14.01
C LEU B 117 3.09 3.50 14.99
N ASP B 118 2.97 3.22 16.29
CA ASP B 118 3.36 4.17 17.32
C ASP B 118 4.84 4.53 17.17
N ILE B 119 5.16 5.79 17.40
CA ILE B 119 6.54 6.29 17.35
C ILE B 119 7.11 6.27 18.75
N CYS B 120 8.35 5.77 18.89
CA CYS B 120 8.99 5.73 20.20
C CYS B 120 9.65 7.07 20.47
N HIS B 121 8.89 8.00 21.06
CA HIS B 121 9.44 9.30 21.38
C HIS B 121 10.33 9.27 22.61
N ASP B 122 10.12 8.31 23.52
CA ASP B 122 10.91 8.24 24.74
C ASP B 122 11.15 6.81 25.19
N PRO B 123 12.41 6.35 25.22
CA PRO B 123 12.79 5.08 25.85
C PRO B 123 12.58 5.10 27.37
N ASN B 127 10.02 0.67 29.87
CA ASN B 127 8.67 0.50 29.34
C ASN B 127 8.05 -0.80 29.87
N ALA B 128 6.72 -0.90 29.76
CA ALA B 128 5.99 -2.10 30.16
C ALA B 128 6.32 -3.26 29.21
N LEU B 129 5.79 -3.20 27.98
CA LEU B 129 6.18 -4.12 26.92
C LEU B 129 7.18 -3.42 26.01
N PRO B 130 8.48 -3.58 26.22
CA PRO B 130 9.46 -2.93 25.34
C PRO B 130 9.57 -3.65 24.02
N GLY B 131 10.05 -2.91 23.02
CA GLY B 131 10.39 -3.48 21.74
C GLY B 131 9.29 -3.49 20.69
N ARG B 132 8.14 -2.88 20.96
CA ARG B 132 7.03 -2.98 20.02
C ARG B 132 7.12 -2.00 18.87
N CYS B 133 7.93 -0.95 19.00
CA CYS B 133 7.95 0.14 18.04
C CYS B 133 9.01 -0.09 16.96
N TRP B 134 8.68 0.32 15.74
CA TRP B 134 9.60 0.16 14.62
C TRP B 134 10.60 1.30 14.50
N GLY B 135 10.44 2.38 15.26
CA GLY B 135 11.36 3.50 15.12
C GLY B 135 10.99 4.62 16.06
N ASP B 136 11.84 5.65 16.06
CA ASP B 136 11.69 6.81 16.93
C ASP B 136 11.34 8.08 16.15
N ASN B 137 10.93 7.93 14.89
CA ASN B 137 10.47 9.05 14.06
C ASN B 137 9.52 8.46 13.02
N ALA B 138 8.65 9.33 12.50
CA ALA B 138 7.59 8.87 11.61
C ALA B 138 8.17 8.18 10.37
N GLN B 139 9.28 8.71 9.84
CA GLN B 139 9.80 8.23 8.56
C GLN B 139 10.36 6.82 8.68
N ASP B 140 11.03 6.52 9.80
CA ASP B 140 11.55 5.17 10.00
C ASP B 140 10.41 4.19 10.26
N VAL B 141 9.40 4.61 11.01
CA VAL B 141 8.24 3.76 11.27
C VAL B 141 7.54 3.42 9.96
N ILE B 142 7.34 4.43 9.10
CA ILE B 142 6.68 4.18 7.81
C ILE B 142 7.50 3.21 6.98
N SER B 143 8.81 3.40 6.93
CA SER B 143 9.66 2.59 6.06
C SER B 143 9.69 1.13 6.54
N ARG B 144 9.95 0.91 7.82
CA ARG B 144 10.06 -0.46 8.33
C ARG B 144 8.69 -1.12 8.45
N GLY B 145 7.74 -0.43 9.10
CA GLY B 145 6.39 -0.95 9.18
C GLY B 145 5.75 -1.17 7.83
N GLY B 146 6.13 -0.36 6.83
CA GLY B 146 5.62 -0.55 5.49
C GLY B 146 6.12 -1.84 4.85
N VAL B 147 7.44 -2.07 4.90
CA VAL B 147 7.99 -3.34 4.44
C VAL B 147 7.32 -4.50 5.16
N TYR B 148 7.11 -4.35 6.47
CA TYR B 148 6.49 -5.43 7.24
C TYR B 148 5.08 -5.70 6.78
N ALA B 149 4.24 -4.65 6.71
CA ALA B 149 2.84 -4.84 6.35
C ALA B 149 2.70 -5.37 4.94
N SER B 150 3.59 -4.94 4.03
CA SER B 150 3.54 -5.43 2.66
C SER B 150 3.77 -6.94 2.60
N ASN B 151 4.71 -7.44 3.39
CA ASN B 151 5.02 -8.86 3.30
C ASN B 151 4.11 -9.73 4.14
N LEU B 152 3.49 -9.17 5.19
CA LEU B 152 2.39 -9.85 5.86
C LEU B 152 1.21 -10.06 4.91
N ARG B 153 0.78 -8.99 4.22
CA ARG B 153 -0.35 -9.10 3.30
C ARG B 153 0.02 -9.96 2.08
N ARG B 154 1.26 -9.85 1.60
CA ARG B 154 1.70 -10.68 0.49
C ARG B 154 1.54 -12.16 0.79
N GLY B 155 1.63 -12.56 2.05
CA GLY B 155 1.40 -13.93 2.45
C GLY B 155 -0.06 -14.27 2.71
N GLY B 156 -0.97 -13.31 2.52
CA GLY B 156 -2.39 -13.57 2.66
C GLY B 156 -2.98 -13.32 4.03
N VAL B 157 -2.24 -12.69 4.95
CA VAL B 157 -2.78 -12.35 6.26
C VAL B 157 -3.02 -10.85 6.30
N GLN B 158 -4.18 -10.45 6.81
CA GLN B 158 -4.56 -9.05 6.84
C GLN B 158 -3.82 -8.32 7.96
N SER B 159 -3.65 -7.02 7.79
CA SER B 159 -2.88 -6.19 8.70
C SER B 159 -3.79 -5.26 9.48
N CYS B 160 -3.24 -4.70 10.56
CA CYS B 160 -3.94 -3.67 11.33
C CYS B 160 -2.93 -2.67 11.87
N GLY B 161 -3.03 -1.42 11.43
CA GLY B 161 -2.18 -0.38 11.99
C GLY B 161 -2.71 0.06 13.34
N LYS B 162 -1.83 0.08 14.34
CA LYS B 162 -2.23 0.47 15.69
C LYS B 162 -1.09 1.24 16.33
N HIS B 163 -1.41 2.10 17.31
CA HIS B 163 -2.77 2.40 17.78
C HIS B 163 -3.13 3.85 17.50
N PHE B 164 -4.11 4.06 16.63
CA PHE B 164 -4.54 5.40 16.28
C PHE B 164 -5.05 6.13 17.52
N PRO B 165 -4.75 7.43 17.70
CA PRO B 165 -4.05 8.33 16.77
C PRO B 165 -2.55 8.48 17.02
N GLY B 166 -1.92 7.50 17.66
CA GLY B 166 -0.49 7.55 17.87
C GLY B 166 -0.11 7.50 19.34
N MET B 167 -0.10 6.29 19.92
CA MET B 167 0.17 6.11 21.34
C MET B 167 1.51 6.70 21.79
N GLY B 168 2.43 6.93 20.85
CA GLY B 168 3.73 7.47 21.22
C GLY B 168 3.67 8.80 21.96
N ARG B 169 2.68 9.65 21.67
CA ARG B 169 2.58 10.98 22.27
C ARG B 169 1.74 11.00 23.54
N ALA B 170 1.08 9.90 23.89
CA ALA B 170 0.08 9.94 24.95
C ALA B 170 0.73 10.10 26.32
N LEU B 171 0.13 10.95 27.15
CA LEU B 171 0.67 11.26 28.47
C LEU B 171 -0.42 11.21 29.52
N ALA B 172 -0.02 10.87 30.76
CA ALA B 172 -0.91 11.02 31.89
C ALA B 172 -1.31 12.48 32.05
N ASP B 173 -2.55 12.70 32.50
CA ASP B 173 -3.03 14.07 32.66
C ASP B 173 -3.94 14.18 33.88
N PRO B 174 -3.80 15.25 34.67
CA PRO B 174 -4.59 15.38 35.90
C PRO B 174 -6.09 15.43 35.68
N HIS B 175 -6.56 16.04 34.59
CA HIS B 175 -7.97 16.33 34.42
C HIS B 175 -8.71 15.30 33.59
N PHE B 176 -8.09 14.16 33.30
CA PHE B 176 -8.72 13.12 32.49
C PHE B 176 -8.36 11.77 33.09
N SER B 177 -9.32 10.83 33.03
CA SER B 177 -9.06 9.50 33.56
C SER B 177 -8.30 8.61 32.57
N LEU B 178 -8.29 8.97 31.29
CA LEU B 178 -7.57 8.28 30.23
C LEU B 178 -6.35 9.08 29.81
N PRO B 179 -5.39 8.46 29.10
CA PRO B 179 -4.24 9.23 28.59
C PRO B 179 -4.66 10.27 27.57
N VAL B 180 -3.77 11.22 27.32
CA VAL B 180 -4.09 12.47 26.61
C VAL B 180 -3.00 12.80 25.62
N ILE B 181 -3.41 13.25 24.43
CA ILE B 181 -2.52 13.82 23.44
C ILE B 181 -2.97 15.26 23.21
N GLY B 182 -2.11 16.22 23.55
CA GLY B 182 -2.45 17.63 23.48
C GLY B 182 -1.94 18.38 22.28
N LEU B 183 -1.23 17.71 21.38
CA LEU B 183 -0.68 18.36 20.20
C LEU B 183 -1.80 18.83 19.27
N ASP B 184 -1.53 19.91 18.54
CA ASP B 184 -2.42 20.32 17.47
C ASP B 184 -2.50 19.24 16.40
N GLU B 185 -3.66 19.14 15.76
CA GLU B 185 -3.83 18.20 14.66
C GLU B 185 -2.78 18.42 13.57
N ARG B 186 -2.39 19.68 13.33
CA ARG B 186 -1.38 19.95 12.31
C ARG B 186 -0.04 19.29 12.65
N GLU B 187 0.39 19.40 13.90
CA GLU B 187 1.67 18.78 14.26
C GLU B 187 1.55 17.25 14.29
N LEU B 188 0.38 16.72 14.62
CA LEU B 188 0.19 15.28 14.57
C LEU B 188 0.33 14.75 13.14
N PHE B 189 -0.28 15.44 12.18
CA PHE B 189 -0.19 14.94 10.80
C PHE B 189 1.23 14.96 10.26
N LYS B 190 2.09 15.84 10.80
CA LYS B 190 3.50 15.80 10.46
C LYS B 190 4.25 14.68 11.17
N THR B 191 3.65 14.07 12.20
CA THR B 191 4.39 13.11 13.01
C THR B 191 3.57 11.85 13.25
N ASP B 192 2.85 11.78 14.37
CA ASP B 192 2.33 10.49 14.84
C ASP B 192 1.21 9.96 13.96
N LEU B 193 0.48 10.84 13.27
CA LEU B 193 -0.56 10.41 12.37
C LEU B 193 -0.03 10.08 10.99
N LEU B 194 1.18 10.53 10.67
CA LEU B 194 1.72 10.34 9.33
C LEU B 194 1.85 8.88 8.92
N PRO B 195 2.26 7.94 9.80
CA PRO B 195 2.31 6.53 9.35
C PRO B 195 0.95 5.98 8.95
N PHE B 196 -0.12 6.38 9.64
CA PHE B 196 -1.44 5.89 9.25
C PHE B 196 -1.84 6.44 7.88
N LEU B 197 -1.52 7.69 7.60
CA LEU B 197 -1.81 8.29 6.30
C LEU B 197 -0.94 7.67 5.21
N ALA B 198 0.35 7.50 5.48
CA ALA B 198 1.28 7.04 4.45
C ALA B 198 1.04 5.59 4.06
N LEU B 199 0.52 4.77 4.97
CA LEU B 199 0.45 3.33 4.77
C LEU B 199 -0.97 2.81 4.56
N CYS B 200 -1.96 3.70 4.35
CA CYS B 200 -3.34 3.30 4.08
C CYS B 200 -3.47 2.13 3.08
N PRO B 201 -2.71 2.11 1.97
CA PRO B 201 -2.83 0.96 1.05
C PRO B 201 -2.34 -0.35 1.64
N ALA B 202 -1.46 -0.34 2.64
CA ALA B 202 -0.93 -1.57 3.22
C ALA B 202 -1.67 -2.00 4.48
N LEU B 203 -2.66 -1.23 4.92
CA LEU B 203 -3.37 -1.49 6.16
C LEU B 203 -4.78 -1.94 5.81
N SER B 204 -5.07 -3.21 6.10
CA SER B 204 -6.43 -3.72 5.94
C SER B 204 -7.38 -3.09 6.95
N SER B 205 -6.85 -2.63 8.07
CA SER B 205 -7.67 -2.12 9.16
C SER B 205 -6.79 -1.24 10.03
N ILE B 206 -7.44 -0.52 10.94
CA ILE B 206 -6.76 0.32 11.91
C ILE B 206 -7.42 0.07 13.26
N MET B 207 -6.63 0.06 14.32
CA MET B 207 -7.18 -0.04 15.67
C MET B 207 -7.00 1.29 16.37
N SER B 208 -8.07 1.77 17.00
CA SER B 208 -8.05 3.04 17.71
C SER B 208 -7.87 2.78 19.20
N ALA B 209 -7.12 3.67 19.85
CA ALA B 209 -6.81 3.55 21.26
C ALA B 209 -7.75 4.41 22.10
N HIS B 210 -7.82 4.10 23.39
CA HIS B 210 -8.64 4.83 24.35
C HIS B 210 -7.85 6.03 24.89
N ILE B 211 -7.70 7.03 24.01
CA ILE B 211 -6.85 8.19 24.26
C ILE B 211 -7.63 9.45 23.94
N MET B 212 -7.48 10.47 24.79
CA MET B 212 -8.14 11.75 24.58
C MET B 212 -7.35 12.64 23.64
N LEU B 213 -8.05 13.26 22.70
CA LEU B 213 -7.54 14.36 21.90
C LEU B 213 -8.37 15.58 22.27
N PRO B 214 -8.05 16.24 23.40
CA PRO B 214 -8.98 17.24 23.96
C PRO B 214 -9.24 18.42 23.05
N GLN B 215 -8.30 18.77 22.18
CA GLN B 215 -8.52 19.85 21.23
C GLN B 215 -9.60 19.52 20.21
N ILE B 216 -9.87 18.23 20.00
CA ILE B 216 -10.92 17.80 19.09
C ILE B 216 -12.17 17.38 19.85
N ASP B 217 -12.01 16.64 20.94
CA ASP B 217 -13.16 16.18 21.73
C ASP B 217 -12.73 16.05 23.18
N PRO B 218 -13.18 16.96 24.05
CA PRO B 218 -12.80 16.90 25.47
C PRO B 218 -13.60 15.88 26.27
N ASP B 219 -14.66 15.31 25.70
CA ASP B 219 -15.58 14.47 26.46
C ASP B 219 -15.42 12.97 26.21
N TYR B 220 -14.85 12.58 25.08
CA TYR B 220 -14.78 11.16 24.75
C TYR B 220 -13.39 10.80 24.25
N PRO B 221 -12.87 9.63 24.62
CA PRO B 221 -11.65 9.13 23.99
C PRO B 221 -11.88 8.86 22.51
N ALA B 222 -10.78 8.74 21.77
CA ALA B 222 -10.86 8.57 20.32
C ALA B 222 -11.82 7.45 19.91
N THR B 223 -11.82 6.34 20.65
CA THR B 223 -12.65 5.19 20.30
C THR B 223 -14.14 5.50 20.37
N LEU B 224 -14.53 6.49 21.17
CA LEU B 224 -15.94 6.79 21.41
C LEU B 224 -16.33 8.17 20.90
N SER B 225 -15.49 8.81 20.08
CA SER B 225 -15.69 10.19 19.66
C SER B 225 -16.06 10.22 18.18
N GLU B 226 -17.29 10.65 17.88
CA GLU B 226 -17.68 10.86 16.48
C GLU B 226 -16.73 11.82 15.80
N ARG B 227 -16.31 12.87 16.50
CA ARG B 227 -15.45 13.88 15.87
C ARG B 227 -14.08 13.32 15.57
N VAL B 228 -13.58 12.39 16.38
CA VAL B 228 -12.26 11.80 16.12
C VAL B 228 -12.34 10.74 15.03
N ILE B 229 -13.32 9.84 15.12
CA ILE B 229 -13.40 8.74 14.15
C ILE B 229 -13.97 9.24 12.82
N ARG B 230 -15.19 9.76 12.83
CA ARG B 230 -15.82 10.19 11.59
C ARG B 230 -15.12 11.43 11.01
N GLY B 231 -14.67 12.32 11.88
CA GLY B 231 -14.01 13.54 11.44
C GLY B 231 -12.55 13.35 11.11
N LEU B 232 -11.72 13.12 12.13
CA LEU B 232 -10.28 13.02 11.89
C LEU B 232 -9.94 11.77 11.07
N LEU B 233 -10.46 10.60 11.47
CA LEU B 233 -10.00 9.36 10.88
C LEU B 233 -10.62 9.09 9.51
N ARG B 234 -11.95 9.18 9.41
CA ARG B 234 -12.62 8.90 8.13
C ARG B 234 -12.46 10.05 7.16
N ASP B 235 -12.83 11.26 7.59
CA ASP B 235 -12.91 12.39 6.68
C ASP B 235 -11.51 12.93 6.34
N ARG B 236 -10.74 13.31 7.35
CA ARG B 236 -9.49 14.01 7.09
C ARG B 236 -8.31 13.09 6.80
N LEU B 237 -8.19 11.96 7.50
CA LEU B 237 -7.14 11.00 7.15
C LEU B 237 -7.53 10.12 5.97
N GLY B 238 -8.84 9.92 5.75
CA GLY B 238 -9.31 9.24 4.57
C GLY B 238 -9.36 7.73 4.64
N PHE B 239 -9.27 7.14 5.82
CA PHE B 239 -9.25 5.68 5.93
C PHE B 239 -10.64 5.11 5.69
N ARG B 240 -10.73 4.16 4.77
CA ARG B 240 -11.98 3.54 4.38
C ARG B 240 -12.12 2.11 4.89
N GLY B 241 -11.10 1.57 5.57
CA GLY B 241 -11.13 0.20 6.03
C GLY B 241 -11.82 0.04 7.38
N VAL B 242 -11.78 -1.21 7.85
CA VAL B 242 -12.36 -1.57 9.14
C VAL B 242 -11.57 -0.88 10.25
N VAL B 243 -12.29 -0.30 11.21
CA VAL B 243 -11.68 0.30 12.39
C VAL B 243 -12.05 -0.55 13.60
N PHE B 244 -11.02 -1.13 14.24
CA PHE B 244 -11.18 -1.83 15.50
C PHE B 244 -10.96 -0.86 16.66
N THR B 245 -11.48 -1.23 17.83
CA THR B 245 -11.14 -0.51 19.04
C THR B 245 -10.13 -1.29 19.84
N ASP B 246 -9.42 -0.57 20.72
CA ASP B 246 -8.69 -1.20 21.81
C ASP B 246 -9.65 -2.05 22.64
N ASP B 247 -9.09 -3.02 23.36
CA ASP B 247 -9.92 -3.91 24.17
C ASP B 247 -10.79 -3.10 25.11
N LEU B 248 -12.04 -3.52 25.25
CA LEU B 248 -12.99 -2.82 26.10
C LEU B 248 -13.10 -3.43 27.49
N CYS B 249 -12.46 -4.57 27.73
CA CYS B 249 -12.69 -5.35 28.93
C CYS B 249 -11.67 -5.10 30.03
N MET B 250 -10.49 -4.59 29.71
CA MET B 250 -9.44 -4.39 30.69
C MET B 250 -8.81 -3.02 30.49
N GLY B 251 -8.42 -2.40 31.59
CA GLY B 251 -7.73 -1.13 31.55
C GLY B 251 -8.60 0.02 32.05
N ALA B 252 -8.06 1.23 31.86
CA ALA B 252 -8.70 2.43 32.40
C ALA B 252 -10.10 2.66 31.83
N ILE B 253 -10.38 2.12 30.65
CA ILE B 253 -11.68 2.36 30.02
C ILE B 253 -12.81 1.75 30.85
N THR B 254 -12.56 0.63 31.54
CA THR B 254 -13.60 -0.03 32.31
C THR B 254 -14.06 0.78 33.51
N THR B 255 -13.23 1.70 34.00
CA THR B 255 -13.67 2.59 35.05
C THR B 255 -14.64 3.65 34.52
N GLN B 256 -14.68 3.86 33.20
CA GLN B 256 -15.55 4.86 32.60
C GLN B 256 -16.84 4.27 32.04
N TYR B 257 -16.78 3.06 31.49
CA TYR B 257 -17.90 2.45 30.79
C TYR B 257 -17.90 0.96 31.01
N SER B 258 -19.10 0.38 31.09
CA SER B 258 -19.24 -1.05 30.93
C SER B 258 -18.93 -1.44 29.48
N PRO B 259 -18.44 -2.66 29.25
CA PRO B 259 -18.02 -3.04 27.89
C PRO B 259 -19.13 -2.97 26.86
N ASP B 260 -20.36 -3.32 27.22
CA ASP B 260 -21.46 -3.22 26.25
C ASP B 260 -21.75 -1.77 25.89
N ASP B 261 -21.73 -0.87 26.88
CA ASP B 261 -21.95 0.54 26.59
C ASP B 261 -20.81 1.12 25.77
N ALA B 262 -19.56 0.76 26.11
CA ALA B 262 -18.42 1.24 25.34
C ALA B 262 -18.48 0.73 23.89
N ALA B 263 -18.87 -0.53 23.70
CA ALA B 263 -18.94 -1.08 22.35
C ALA B 263 -19.99 -0.34 21.51
N PHE B 264 -21.17 -0.08 22.10
CA PHE B 264 -22.19 0.65 21.36
C PHE B 264 -21.71 2.05 21.01
N LEU B 265 -21.06 2.73 21.97
CA LEU B 265 -20.56 4.08 21.72
C LEU B 265 -19.48 4.10 20.66
N SER B 266 -18.72 3.01 20.52
CA SER B 266 -17.70 2.96 19.47
C SER B 266 -18.34 2.87 18.10
N LEU B 267 -19.43 2.12 17.97
CA LEU B 267 -20.14 2.05 16.69
C LEU B 267 -20.78 3.39 16.35
N LYS B 268 -21.49 3.99 17.33
CA LYS B 268 -22.05 5.32 17.12
C LYS B 268 -20.97 6.31 16.68
N ALA B 269 -19.76 6.17 17.21
CA ALA B 269 -18.66 7.06 16.87
C ALA B 269 -18.12 6.83 15.47
N GLY B 270 -18.38 5.66 14.88
CA GLY B 270 -17.90 5.34 13.54
C GLY B 270 -16.93 4.17 13.47
N CYS B 271 -16.52 3.57 14.59
CA CYS B 271 -15.76 2.33 14.51
C CYS B 271 -16.64 1.21 13.98
N ASP B 272 -16.01 0.16 13.49
CA ASP B 272 -16.73 -0.98 12.93
C ASP B 272 -16.77 -2.19 13.86
N LEU B 273 -15.66 -2.53 14.51
CA LEU B 273 -15.56 -3.79 15.26
C LEU B 273 -14.89 -3.58 16.61
N PRO B 274 -15.66 -3.29 17.65
CA PRO B 274 -15.09 -3.19 18.98
C PRO B 274 -14.58 -4.55 19.47
N LEU B 275 -13.52 -4.50 20.27
CA LEU B 275 -12.87 -5.70 20.80
C LEU B 275 -13.39 -5.96 22.21
N ILE B 276 -14.00 -7.14 22.39
CA ILE B 276 -14.49 -7.58 23.70
C ILE B 276 -13.70 -8.85 24.03
N CYS B 277 -12.51 -8.67 24.62
CA CYS B 277 -11.50 -9.72 24.58
C CYS B 277 -11.62 -10.73 25.71
N HIS B 278 -12.13 -10.34 26.87
CA HIS B 278 -12.06 -11.19 28.05
C HIS B 278 -13.42 -11.23 28.73
N ASP B 279 -13.87 -12.44 29.05
CA ASP B 279 -15.22 -12.68 29.56
C ASP B 279 -16.28 -11.91 28.78
N PRO B 280 -16.38 -12.13 27.47
CA PRO B 280 -17.27 -11.30 26.65
C PRO B 280 -18.74 -11.60 26.79
N LEU B 281 -19.12 -12.81 27.22
CA LEU B 281 -20.51 -13.24 27.08
C LEU B 281 -21.54 -12.37 27.80
N PRO B 282 -21.31 -11.87 29.02
CA PRO B 282 -22.36 -11.08 29.68
C PRO B 282 -22.66 -9.74 29.01
N TRP B 283 -21.88 -9.32 28.01
CA TRP B 283 -22.06 -8.01 27.39
C TRP B 283 -22.67 -8.07 25.99
N LEU B 284 -22.78 -9.26 25.39
CA LEU B 284 -23.11 -9.33 23.97
C LEU B 284 -24.58 -9.03 23.72
N ASP B 285 -25.48 -9.46 24.62
CA ASP B 285 -26.90 -9.24 24.39
C ASP B 285 -27.26 -7.77 24.48
N GLY B 286 -26.64 -7.03 25.41
CA GLY B 286 -26.88 -5.61 25.50
C GLY B 286 -26.40 -4.87 24.26
N LEU B 287 -25.27 -5.29 23.70
CA LEU B 287 -24.84 -4.73 22.43
C LEU B 287 -25.81 -5.07 21.32
N ALA B 288 -26.31 -6.32 21.31
CA ALA B 288 -27.17 -6.77 20.21
C ALA B 288 -28.47 -5.98 20.16
N SER B 289 -28.98 -5.57 21.32
CA SER B 289 -30.25 -4.84 21.35
C SER B 289 -30.05 -3.36 21.06
N ARG B 290 -28.96 -2.77 21.58
CA ARG B 290 -28.74 -1.34 21.42
C ARG B 290 -28.36 -0.94 20.00
N GLN B 291 -27.99 -1.89 19.13
CA GLN B 291 -27.51 -1.46 17.81
C GLN B 291 -28.63 -1.15 16.84
N GLU B 292 -29.89 -1.49 17.15
CA GLU B 292 -30.99 -1.08 16.31
C GLU B 292 -31.36 0.38 16.51
N SER B 293 -30.74 1.06 17.47
CA SER B 293 -30.91 2.50 17.61
C SER B 293 -29.90 3.28 16.77
N LEU B 294 -28.95 2.60 16.13
CA LEU B 294 -28.02 3.26 15.24
C LEU B 294 -28.69 3.59 13.90
N ASN B 295 -28.16 4.61 13.23
CA ASN B 295 -28.66 4.95 11.91
C ASN B 295 -28.45 3.79 10.95
N ALA B 296 -29.49 3.45 10.18
CA ALA B 296 -29.46 2.25 9.35
C ALA B 296 -28.50 2.40 8.16
N TYR B 297 -28.44 3.58 7.55
CA TYR B 297 -27.45 3.81 6.50
C TYR B 297 -26.03 3.71 7.07
N ASP B 298 -25.81 4.29 8.25
CA ASP B 298 -24.52 4.17 8.91
CA ASP B 298 -24.53 4.18 8.93
C ASP B 298 -24.16 2.72 9.18
N ARG B 299 -25.13 1.92 9.62
CA ARG B 299 -24.87 0.50 9.85
C ARG B 299 -24.55 -0.21 8.55
N TRP B 300 -25.22 0.17 7.46
CA TRP B 300 -24.93 -0.43 6.17
C TRP B 300 -23.53 -0.04 5.69
N ASP B 301 -23.13 1.23 5.92
CA ASP B 301 -21.78 1.64 5.57
C ASP B 301 -20.74 0.81 6.32
N SER B 302 -20.94 0.63 7.63
CA SER B 302 -20.00 -0.17 8.42
C SER B 302 -20.01 -1.63 7.97
N PHE B 303 -21.20 -2.20 7.73
CA PHE B 303 -21.30 -3.58 7.30
C PHE B 303 -20.53 -3.84 6.00
N LYS B 304 -20.54 -2.87 5.08
CA LYS B 304 -19.81 -3.06 3.83
C LYS B 304 -18.31 -3.09 4.06
N ARG B 305 -17.81 -2.25 4.96
CA ARG B 305 -16.40 -2.32 5.34
C ARG B 305 -16.06 -3.71 5.89
N VAL B 306 -16.89 -4.22 6.79
CA VAL B 306 -16.63 -5.50 7.42
C VAL B 306 -16.76 -6.65 6.41
N GLU B 307 -17.78 -6.58 5.55
CA GLU B 307 -17.94 -7.57 4.49
C GLU B 307 -16.73 -7.57 3.56
N LYS B 308 -16.19 -6.40 3.25
CA LYS B 308 -15.03 -6.32 2.38
C LYS B 308 -13.79 -6.96 3.00
N LEU B 309 -13.56 -6.70 4.30
CA LEU B 309 -12.51 -7.39 5.02
C LEU B 309 -12.75 -8.90 5.00
N SER B 310 -13.98 -9.32 5.29
CA SER B 310 -14.30 -10.74 5.37
C SER B 310 -14.01 -11.46 4.05
N ASP B 311 -14.36 -10.83 2.92
CA ASP B 311 -14.10 -11.42 1.61
C ASP B 311 -12.62 -11.45 1.27
N SER B 312 -11.78 -10.70 1.98
CA SER B 312 -10.34 -10.78 1.77
C SER B 312 -9.68 -11.82 2.65
N LEU B 313 -10.41 -12.43 3.58
CA LEU B 313 -9.80 -13.31 4.57
C LEU B 313 -9.36 -14.61 3.94
N CYS B 314 -8.19 -15.08 4.34
CA CYS B 314 -7.59 -16.32 3.86
CA CYS B 314 -7.69 -16.34 3.79
C CYS B 314 -8.00 -17.51 4.72
N PHE B 315 -8.09 -18.65 4.12
CA PHE B 315 -8.35 -19.96 4.69
C PHE B 315 -7.02 -20.66 4.99
N PRO B 316 -6.98 -21.56 5.97
CA PRO B 316 -5.71 -22.19 6.34
C PRO B 316 -5.18 -23.11 5.26
N PHE B 317 -3.86 -23.29 5.26
CA PHE B 317 -3.22 -24.21 4.35
C PHE B 317 -3.72 -25.63 4.61
N PRO B 318 -3.70 -26.49 3.61
CA PRO B 318 -3.91 -27.92 3.86
C PRO B 318 -2.87 -28.46 4.83
N GLU B 319 -3.31 -29.41 5.66
CA GLU B 319 -2.42 -30.05 6.62
C GLU B 319 -1.17 -30.57 5.92
N LYS B 320 0.00 -30.14 6.39
CA LYS B 320 1.27 -30.61 5.86
C LYS B 320 2.34 -30.35 6.91
N ALA B 321 2.83 -31.40 7.55
CA ALA B 321 3.73 -31.25 8.69
C ALA B 321 5.05 -30.61 8.29
N SER B 322 5.53 -30.88 7.08
CA SER B 322 6.80 -30.28 6.66
C SER B 322 6.66 -28.79 6.37
N LEU B 323 5.44 -28.32 6.09
CA LEU B 323 5.23 -26.89 5.94
C LEU B 323 5.40 -26.18 7.28
N TRP B 324 4.73 -26.69 8.32
CA TRP B 324 4.89 -26.11 9.66
C TRP B 324 6.33 -26.22 10.14
N ASP B 325 7.01 -27.33 9.81
CA ASP B 325 8.41 -27.45 10.21
C ASP B 325 9.24 -26.37 9.55
N SER B 326 8.93 -26.04 8.29
CA SER B 326 9.57 -24.92 7.62
C SER B 326 9.34 -23.62 8.38
N CYS B 327 8.13 -23.43 8.91
CA CYS B 327 7.83 -22.23 9.71
C CYS B 327 8.71 -22.15 10.94
N LEU B 328 8.81 -23.25 11.69
CA LEU B 328 9.63 -23.26 12.88
C LEU B 328 11.07 -22.96 12.54
N ARG B 329 11.58 -23.58 11.48
CA ARG B 329 13.00 -23.41 11.15
C ARG B 329 13.30 -22.00 10.65
N ARG B 330 12.37 -21.42 9.88
CA ARG B 330 12.56 -20.04 9.44
C ARG B 330 12.48 -19.08 10.62
N ALA B 331 11.54 -19.30 11.54
CA ALA B 331 11.47 -18.46 12.74
C ALA B 331 12.73 -18.59 13.58
N GLU B 332 13.24 -19.82 13.72
CA GLU B 332 14.49 -20.01 14.45
C GLU B 332 15.64 -19.27 13.78
N ALA B 333 15.73 -19.35 12.46
CA ALA B 333 16.80 -18.65 11.76
C ALA B 333 16.68 -17.13 11.89
N LEU B 334 15.45 -16.61 11.94
CA LEU B 334 15.28 -15.16 12.09
C LEU B 334 15.72 -14.70 13.47
N CYS B 335 15.44 -15.48 14.51
CA CYS B 335 15.90 -15.16 15.86
C CYS B 335 17.43 -15.18 15.94
N ARG B 336 18.06 -16.21 15.35
CA ARG B 336 19.52 -16.26 15.32
C ARG B 336 20.11 -15.10 14.52
N LEU B 337 19.41 -14.61 13.50
CA LEU B 337 19.91 -13.45 12.78
C LEU B 337 20.04 -12.25 13.71
N GLU B 338 19.00 -11.99 14.49
CA GLU B 338 19.03 -10.82 15.38
C GLU B 338 20.01 -11.05 16.53
N GLU B 339 20.02 -12.25 17.11
CA GLU B 339 20.89 -12.53 18.25
C GLU B 339 22.36 -12.31 17.90
N ASP B 340 22.76 -12.68 16.69
CA ASP B 340 24.18 -12.68 16.34
C ASP B 340 24.64 -11.38 15.70
N GLY B 341 23.76 -10.69 14.98
CA GLY B 341 24.08 -9.36 14.50
C GLY B 341 24.07 -8.27 15.55
N ARG B 342 23.72 -8.59 16.79
CA ARG B 342 23.67 -7.62 17.88
C ARG B 342 24.97 -6.83 18.04
#